data_1ACO
#
_entry.id   1ACO
#
_cell.length_a   185.500
_cell.length_b   72.000
_cell.length_c   73.000
_cell.angle_alpha   90.00
_cell.angle_beta   90.00
_cell.angle_gamma   77.70
#
_symmetry.space_group_name_H-M   'B 1 1 2'
#
loop_
_entity.id
_entity.type
_entity.pdbx_description
1 polymer ACONITASE
2 non-polymer 'ACONITATE ION'
3 non-polymer 'IRON/SULFUR CLUSTER'
4 water water
#
_entity_poly.entity_id   1
_entity_poly.type   'polypeptide(L)'
_entity_poly.pdbx_seq_one_letter_code
;(PCA)RAKVAMSHFEPHEYIRYDLLEKNIDIVRKRLNRPLTLSEKIVYGHLDDPANQEIERGKTYLRLRPDRVAMQDATA
QMAMLQFISSGLPKVAVPSTIHCDHLIEAQLGGEKDLRRAKDINQEVYNFLATAGAKYGVGFWRPGSGIIHQIILENYAY
PGVLLIGTDSHTPNGGGLGGICIGVGGADAVDVMAGIPWELKCPKVIGVKLTGSLSGWTSPKDVILKVAGILTVKGGTGA
IVEYHGPGVDSISCTGMATICNMGAEIGATTSVFPYNHRMKKYLSKTGRADIANLADEFKDHLVPDSGCHYDQLIEINLS
ELKPHINGPFTPDLAHPVAEVGSVAEKEGWPLDIRVGLIGSCTNSSYEDMGRSAAVAKQALAHGLKCKSQFTITPGSEQI
RATIERDGYAQVLRDVGGIVLANACGPCIGQWDRKDIKKGEKNTIVTSYNRNFTGRNDANPETHAFVTSPEIVTALAIAG
TLKFNPETDFLTGKDGKKFKLEAPDADELPRAEFDPGQDTYQHPPKDSSGQRVDVSPTSQRLQLLEPFDKWDGKDLEDLQ
ILIKVKGKCTTDHISAAGPWLKFRGHLDNISNNLLIGAINSENRKANSVRNAVTQEFGPVPDTARYYKQHGIRWVVIGDE
NYGEGSSREHSALEPRFLGGRAIITKSFARIHETNLKKQGLLPLTFADPADYNKIHPVDKLTIQGLKDFAPGKPLTCIIK
HPNGTQETILLNHTFNETQIEWFRAGSALNRMKELQQK
;
_entity_poly.pdbx_strand_id   A
#
# COMPACT_ATOMS: atom_id res chain seq x y z
N ARG A 2 -12.20 -6.36 -33.05
CA ARG A 2 -10.82 -5.93 -33.12
C ARG A 2 -10.19 -7.30 -32.89
N ALA A 3 -9.13 -7.29 -32.09
CA ALA A 3 -8.46 -8.47 -31.64
C ALA A 3 -9.36 -8.97 -30.50
N LYS A 4 -9.35 -10.27 -30.25
CA LYS A 4 -10.03 -10.86 -29.16
C LYS A 4 -8.90 -11.48 -28.36
N VAL A 5 -8.19 -10.63 -27.62
CA VAL A 5 -7.10 -11.10 -26.76
C VAL A 5 -7.55 -11.01 -25.29
N ALA A 6 -7.55 -12.12 -24.57
CA ALA A 6 -8.03 -12.19 -23.21
C ALA A 6 -7.11 -11.45 -22.27
N MET A 7 -7.76 -10.90 -21.24
CA MET A 7 -7.13 -10.14 -20.18
C MET A 7 -6.18 -10.99 -19.34
N SER A 8 -6.37 -12.31 -19.23
CA SER A 8 -5.45 -13.15 -18.50
C SER A 8 -5.77 -14.56 -18.98
N HIS A 9 -4.98 -15.49 -18.49
CA HIS A 9 -5.18 -16.89 -18.79
C HIS A 9 -6.37 -17.45 -18.03
N PHE A 10 -6.88 -16.77 -17.03
CA PHE A 10 -7.95 -17.31 -16.21
C PHE A 10 -9.27 -16.75 -16.70
N GLU A 11 -9.28 -15.72 -17.56
CA GLU A 11 -10.54 -15.16 -18.03
C GLU A 11 -10.54 -15.10 -19.55
N PRO A 12 -10.76 -16.25 -20.22
CA PRO A 12 -10.56 -16.42 -21.66
C PRO A 12 -11.50 -15.60 -22.52
N HIS A 13 -12.55 -15.14 -21.86
CA HIS A 13 -13.69 -14.44 -22.45
C HIS A 13 -13.69 -12.96 -22.14
N GLU A 14 -12.73 -12.46 -21.37
CA GLU A 14 -12.73 -11.06 -20.99
C GLU A 14 -11.66 -10.48 -21.88
N TYR A 15 -11.98 -9.65 -22.84
CA TYR A 15 -10.97 -9.18 -23.77
C TYR A 15 -10.46 -7.81 -23.43
N ILE A 16 -9.19 -7.57 -23.75
CA ILE A 16 -8.54 -6.27 -23.60
C ILE A 16 -9.21 -5.29 -24.55
N ARG A 17 -9.54 -4.07 -24.10
CA ARG A 17 -10.22 -3.12 -24.92
C ARG A 17 -9.39 -1.90 -25.25
N TYR A 18 -8.33 -2.11 -25.99
CA TYR A 18 -7.51 -0.98 -26.43
C TYR A 18 -8.27 -0.12 -27.45
N ASP A 19 -9.25 -0.70 -28.14
CA ASP A 19 -10.09 0.03 -29.10
C ASP A 19 -10.89 1.12 -28.37
N LEU A 20 -11.38 0.75 -27.20
CA LEU A 20 -12.09 1.61 -26.28
C LEU A 20 -11.16 2.69 -25.74
N LEU A 21 -9.97 2.27 -25.30
CA LEU A 21 -9.00 3.24 -24.82
C LEU A 21 -8.67 4.32 -25.87
N GLU A 22 -8.42 3.90 -27.13
CA GLU A 22 -8.06 4.77 -28.24
C GLU A 22 -9.18 5.73 -28.52
N LYS A 23 -10.37 5.18 -28.56
CA LYS A 23 -11.55 5.98 -28.81
C LYS A 23 -11.72 7.08 -27.78
N ASN A 24 -11.52 6.73 -26.51
CA ASN A 24 -11.67 7.70 -25.45
C ASN A 24 -10.54 8.70 -25.43
N ILE A 25 -9.28 8.32 -25.68
CA ILE A 25 -8.14 9.24 -25.74
C ILE A 25 -8.40 10.26 -26.83
N ASP A 26 -8.95 9.79 -27.93
CA ASP A 26 -9.23 10.69 -29.01
C ASP A 26 -10.36 11.62 -28.74
N ILE A 27 -11.44 11.26 -28.04
CA ILE A 27 -12.45 12.25 -27.67
C ILE A 27 -11.84 13.36 -26.77
N VAL A 28 -11.07 12.97 -25.77
CA VAL A 28 -10.44 13.88 -24.83
C VAL A 28 -9.38 14.75 -25.50
N ARG A 29 -8.47 14.26 -26.36
CA ARG A 29 -7.46 15.16 -26.88
C ARG A 29 -8.13 16.15 -27.82
N LYS A 30 -9.25 15.88 -28.47
CA LYS A 30 -9.94 16.87 -29.28
C LYS A 30 -10.50 17.98 -28.40
N ARG A 31 -10.78 17.64 -27.14
CA ARG A 31 -11.27 18.64 -26.20
C ARG A 31 -10.12 19.47 -25.64
N LEU A 32 -8.98 18.85 -25.31
CA LEU A 32 -7.93 19.58 -24.61
C LEU A 32 -6.94 20.23 -25.54
N ASN A 33 -6.75 19.69 -26.75
CA ASN A 33 -5.81 20.20 -27.75
C ASN A 33 -4.46 20.48 -27.17
N ARG A 34 -3.88 19.47 -26.52
CA ARG A 34 -2.53 19.63 -25.99
C ARG A 34 -2.00 18.22 -25.87
N PRO A 35 -0.69 18.00 -25.76
CA PRO A 35 -0.10 16.68 -25.54
C PRO A 35 -0.56 16.16 -24.18
N LEU A 36 -0.73 14.86 -24.09
CA LEU A 36 -1.17 14.18 -22.88
C LEU A 36 -0.01 13.39 -22.33
N THR A 37 0.21 13.34 -21.02
CA THR A 37 1.24 12.44 -20.49
C THR A 37 0.75 10.99 -20.66
N LEU A 38 1.56 9.99 -20.37
CA LEU A 38 1.11 8.60 -20.40
C LEU A 38 -0.01 8.33 -19.37
N SER A 39 0.11 8.83 -18.14
CA SER A 39 -0.87 8.59 -17.10
C SER A 39 -2.18 9.23 -17.51
N GLU A 40 -2.14 10.40 -18.16
CA GLU A 40 -3.36 11.01 -18.68
C GLU A 40 -4.00 10.15 -19.73
N LYS A 41 -3.23 9.60 -20.66
CA LYS A 41 -3.82 8.77 -21.69
C LYS A 41 -4.54 7.57 -21.05
N ILE A 42 -3.92 6.83 -20.13
CA ILE A 42 -4.60 5.64 -19.58
C ILE A 42 -5.76 6.02 -18.66
N VAL A 43 -5.56 7.03 -17.83
CA VAL A 43 -6.62 7.46 -16.93
C VAL A 43 -7.75 8.12 -17.72
N TYR A 44 -7.53 9.14 -18.57
CA TYR A 44 -8.64 9.74 -19.31
C TYR A 44 -9.21 8.73 -20.31
N GLY A 45 -8.42 7.78 -20.77
CA GLY A 45 -8.91 6.73 -21.65
C GLY A 45 -9.87 5.81 -20.94
N HIS A 46 -9.97 5.83 -19.61
CA HIS A 46 -10.92 4.98 -18.90
C HIS A 46 -12.07 5.79 -18.34
N LEU A 47 -12.33 7.01 -18.82
CA LEU A 47 -13.43 7.82 -18.32
C LEU A 47 -14.77 7.25 -18.67
N ASP A 48 -15.69 7.39 -17.73
CA ASP A 48 -17.03 6.94 -17.98
C ASP A 48 -17.70 7.83 -19.02
N ASP A 49 -17.41 9.12 -19.02
CA ASP A 49 -18.02 10.01 -19.99
C ASP A 49 -16.97 10.98 -20.51
N PRO A 50 -16.11 10.55 -21.46
CA PRO A 50 -15.02 11.38 -21.96
C PRO A 50 -15.45 12.68 -22.63
N ALA A 51 -16.68 12.75 -23.14
CA ALA A 51 -17.13 13.94 -23.81
C ALA A 51 -17.52 14.99 -22.82
N ASN A 52 -18.03 14.66 -21.63
CA ASN A 52 -18.49 15.71 -20.73
C ASN A 52 -17.71 15.89 -19.45
N GLN A 53 -16.85 14.94 -19.10
CA GLN A 53 -16.05 15.05 -17.90
C GLN A 53 -15.20 16.33 -17.84
N GLU A 54 -15.28 17.11 -16.74
CA GLU A 54 -14.38 18.25 -16.51
C GLU A 54 -13.05 17.71 -16.10
N ILE A 55 -11.98 18.19 -16.70
CA ILE A 55 -10.67 17.61 -16.54
C ILE A 55 -9.76 18.76 -16.15
N GLU A 56 -9.36 18.88 -14.87
CA GLU A 56 -8.37 19.90 -14.47
C GLU A 56 -7.46 19.19 -13.47
N ARG A 57 -6.16 19.13 -13.71
CA ARG A 57 -5.26 18.41 -12.82
C ARG A 57 -5.32 19.00 -11.43
N GLY A 58 -5.43 18.12 -10.44
CA GLY A 58 -5.50 18.52 -9.06
C GLY A 58 -6.86 19.12 -8.71
N LYS A 59 -7.89 19.23 -9.56
CA LYS A 59 -9.10 19.90 -9.14
C LYS A 59 -10.37 19.15 -9.37
N THR A 60 -10.59 18.45 -10.46
CA THR A 60 -11.90 17.83 -10.66
C THR A 60 -11.89 16.38 -10.22
N TYR A 61 -13.03 15.78 -9.91
CA TYR A 61 -13.10 14.36 -9.63
C TYR A 61 -13.56 13.66 -10.91
N LEU A 62 -12.75 12.71 -11.34
CA LEU A 62 -13.00 11.92 -12.54
C LEU A 62 -13.82 10.72 -12.16
N ARG A 63 -14.73 10.36 -13.07
CA ARG A 63 -15.55 9.16 -12.90
C ARG A 63 -14.98 8.19 -13.90
N LEU A 64 -14.44 7.11 -13.37
CA LEU A 64 -13.62 6.17 -14.12
C LEU A 64 -14.23 4.81 -14.08
N ARG A 65 -13.87 3.98 -15.05
CA ARG A 65 -14.29 2.60 -15.12
C ARG A 65 -13.07 1.71 -15.04
N PRO A 66 -12.61 1.21 -13.89
CA PRO A 66 -11.51 0.24 -13.87
C PRO A 66 -11.82 -1.07 -14.61
N ASP A 67 -10.76 -1.71 -15.08
CA ASP A 67 -10.83 -2.99 -15.75
C ASP A 67 -10.94 -4.14 -14.77
N ARG A 68 -10.31 -4.08 -13.58
CA ARG A 68 -10.37 -5.19 -12.65
C ARG A 68 -10.03 -4.72 -11.25
N VAL A 69 -10.38 -5.60 -10.29
CA VAL A 69 -10.23 -5.35 -8.85
C VAL A 69 -9.38 -6.48 -8.23
N ALA A 70 -8.36 -6.23 -7.43
CA ALA A 70 -7.62 -7.26 -6.75
C ALA A 70 -7.71 -6.95 -5.24
N MET A 71 -7.86 -7.97 -4.38
CA MET A 71 -7.94 -7.77 -2.94
C MET A 71 -7.00 -8.73 -2.24
N GLN A 72 -6.38 -8.39 -1.12
CA GLN A 72 -5.55 -9.34 -0.41
C GLN A 72 -6.35 -9.68 0.84
N ASP A 73 -6.12 -10.80 1.50
CA ASP A 73 -6.99 -11.29 2.56
C ASP A 73 -7.09 -10.49 3.85
N ALA A 74 -6.19 -9.57 4.18
CA ALA A 74 -6.37 -8.74 5.34
C ALA A 74 -7.32 -7.59 5.06
N THR A 75 -7.57 -7.21 3.80
CA THR A 75 -8.53 -6.12 3.52
C THR A 75 -9.75 -6.69 2.80
N ALA A 76 -9.65 -7.91 2.25
CA ALA A 76 -10.75 -8.49 1.51
C ALA A 76 -11.92 -8.82 2.38
N GLN A 77 -11.65 -9.15 3.66
CA GLN A 77 -12.73 -9.56 4.55
C GLN A 77 -13.75 -8.44 4.74
N MET A 78 -13.28 -7.23 5.02
CA MET A 78 -14.18 -6.13 5.25
C MET A 78 -14.75 -5.60 3.93
N ALA A 79 -13.99 -5.68 2.82
CA ALA A 79 -14.52 -5.29 1.51
C ALA A 79 -15.69 -6.23 1.15
N MET A 80 -15.55 -7.54 1.36
CA MET A 80 -16.61 -8.47 1.08
C MET A 80 -17.75 -8.38 2.10
N LEU A 81 -17.53 -8.07 3.38
CA LEU A 81 -18.65 -7.87 4.31
C LEU A 81 -19.44 -6.65 3.87
N GLN A 82 -18.83 -5.57 3.36
CA GLN A 82 -19.61 -4.47 2.84
C GLN A 82 -20.34 -4.85 1.56
N PHE A 83 -19.71 -5.67 0.70
CA PHE A 83 -20.35 -6.13 -0.53
C PHE A 83 -21.57 -6.99 -0.20
N ILE A 84 -21.44 -7.87 0.78
CA ILE A 84 -22.54 -8.67 1.30
C ILE A 84 -23.63 -7.73 1.82
N SER A 85 -23.42 -6.63 2.57
CA SER A 85 -24.50 -5.71 2.89
C SER A 85 -25.17 -5.11 1.67
N SER A 86 -24.50 -4.87 0.53
CA SER A 86 -25.12 -4.18 -0.60
C SER A 86 -26.25 -5.06 -1.13
N GLY A 87 -26.14 -6.37 -0.99
CA GLY A 87 -27.17 -7.27 -1.43
C GLY A 87 -26.99 -7.58 -2.89
N LEU A 88 -25.99 -7.02 -3.60
CA LEU A 88 -25.81 -7.34 -5.02
C LEU A 88 -25.34 -8.77 -5.26
N PRO A 89 -25.79 -9.49 -6.29
CA PRO A 89 -25.57 -10.91 -6.44
C PRO A 89 -24.25 -11.35 -7.01
N LYS A 90 -23.49 -10.49 -7.69
CA LYS A 90 -22.30 -10.94 -8.38
C LYS A 90 -21.44 -9.70 -8.62
N VAL A 91 -20.11 -9.84 -8.69
CA VAL A 91 -19.24 -8.71 -9.03
C VAL A 91 -19.37 -8.36 -10.50
N ALA A 92 -19.24 -7.09 -10.83
CA ALA A 92 -19.41 -6.59 -12.18
C ALA A 92 -18.14 -6.62 -13.01
N VAL A 93 -16.91 -6.69 -12.46
CA VAL A 93 -15.68 -6.70 -13.25
C VAL A 93 -14.82 -7.88 -12.79
N PRO A 94 -13.82 -8.40 -13.51
CA PRO A 94 -12.87 -9.41 -13.00
C PRO A 94 -12.26 -8.96 -11.66
N SER A 95 -12.32 -9.84 -10.64
CA SER A 95 -11.93 -9.52 -9.26
C SER A 95 -11.18 -10.70 -8.69
N THR A 96 -10.16 -10.56 -7.85
CA THR A 96 -9.45 -11.70 -7.29
C THR A 96 -9.24 -11.43 -5.79
N ILE A 97 -9.12 -12.50 -5.02
CA ILE A 97 -8.69 -12.44 -3.63
C ILE A 97 -7.35 -13.18 -3.54
N HIS A 98 -6.37 -12.65 -2.82
CA HIS A 98 -5.04 -13.23 -2.67
C HIS A 98 -4.81 -13.46 -1.19
N CYS A 99 -4.52 -14.68 -0.76
CA CYS A 99 -4.32 -14.97 0.65
C CYS A 99 -2.84 -14.94 0.99
N ASP A 100 -2.33 -13.76 1.32
CA ASP A 100 -0.93 -13.54 1.56
C ASP A 100 -0.54 -12.88 2.87
N HIS A 101 -1.50 -12.27 3.56
CA HIS A 101 -1.18 -11.45 4.74
C HIS A 101 -1.31 -12.13 6.08
N LEU A 102 -1.85 -13.33 6.16
CA LEU A 102 -2.15 -13.94 7.45
C LEU A 102 -1.25 -15.12 7.78
N ILE A 103 -0.10 -15.26 7.16
CA ILE A 103 0.78 -16.42 7.33
C ILE A 103 1.97 -15.85 8.11
N GLU A 104 2.05 -16.26 9.37
CA GLU A 104 3.10 -15.88 10.30
C GLU A 104 4.39 -16.62 10.10
N ALA A 105 5.49 -15.90 10.02
CA ALA A 105 6.80 -16.52 9.90
C ALA A 105 7.28 -16.99 11.27
N GLN A 106 7.63 -18.26 11.34
CA GLN A 106 8.12 -18.82 12.58
C GLN A 106 9.15 -19.92 12.31
N LEU A 107 8.70 -21.01 11.71
CA LEU A 107 9.46 -22.21 11.42
C LEU A 107 10.01 -22.24 9.98
N GLY A 108 9.53 -21.39 9.08
CA GLY A 108 9.93 -21.39 7.68
C GLY A 108 8.91 -22.12 6.81
N GLY A 109 9.02 -21.81 5.52
CA GLY A 109 8.22 -22.33 4.43
C GLY A 109 6.94 -23.14 4.61
N GLU A 110 7.05 -24.45 4.34
CA GLU A 110 5.93 -25.39 4.37
C GLU A 110 5.27 -25.56 5.73
N LYS A 111 6.10 -25.54 6.76
CA LYS A 111 5.65 -25.67 8.11
C LYS A 111 4.80 -24.47 8.45
N ASP A 112 5.23 -23.24 8.16
CA ASP A 112 4.41 -22.06 8.45
C ASP A 112 3.12 -22.02 7.64
N LEU A 113 3.14 -22.54 6.42
CA LEU A 113 1.95 -22.55 5.60
C LEU A 113 0.92 -23.51 6.14
N ARG A 114 1.32 -24.72 6.56
CA ARG A 114 0.42 -25.69 7.16
C ARG A 114 -0.24 -25.17 8.44
N ARG A 115 0.57 -24.56 9.30
CA ARG A 115 0.08 -23.93 10.51
C ARG A 115 -0.88 -22.78 10.21
N ALA A 116 -0.58 -21.89 9.24
CA ALA A 116 -1.50 -20.80 8.92
C ALA A 116 -2.85 -21.32 8.43
N LYS A 117 -2.84 -22.39 7.65
CA LYS A 117 -4.08 -22.96 7.15
C LYS A 117 -4.97 -23.54 8.25
N ASP A 118 -4.36 -24.03 9.32
CA ASP A 118 -5.11 -24.54 10.46
C ASP A 118 -5.65 -23.35 11.26
N ILE A 119 -4.75 -22.50 11.73
CA ILE A 119 -5.09 -21.29 12.47
C ILE A 119 -6.12 -20.39 11.77
N ASN A 120 -6.02 -20.20 10.45
CA ASN A 120 -6.86 -19.19 9.80
C ASN A 120 -7.95 -19.84 9.02
N GLN A 121 -8.24 -21.11 9.25
CA GLN A 121 -9.29 -21.84 8.54
C GLN A 121 -10.63 -21.11 8.41
N GLU A 122 -11.13 -20.46 9.45
CA GLU A 122 -12.39 -19.76 9.44
C GLU A 122 -12.42 -18.67 8.38
N VAL A 123 -11.33 -17.93 8.37
CA VAL A 123 -11.18 -16.82 7.46
C VAL A 123 -10.94 -17.28 6.02
N TYR A 124 -10.04 -18.24 5.76
CA TYR A 124 -9.78 -18.68 4.39
C TYR A 124 -11.04 -19.31 3.83
N ASN A 125 -11.79 -19.98 4.69
CA ASN A 125 -13.08 -20.54 4.34
C ASN A 125 -14.11 -19.49 3.93
N PHE A 126 -14.18 -18.40 4.70
CA PHE A 126 -15.10 -17.31 4.44
C PHE A 126 -14.74 -16.72 3.09
N LEU A 127 -13.47 -16.39 2.86
CA LEU A 127 -13.11 -15.77 1.59
C LEU A 127 -13.29 -16.68 0.40
N ALA A 128 -12.96 -17.97 0.48
CA ALA A 128 -13.19 -18.87 -0.63
C ALA A 128 -14.68 -19.01 -0.94
N THR A 129 -15.54 -19.09 0.07
CA THR A 129 -16.96 -19.25 -0.15
C THR A 129 -17.59 -17.98 -0.69
N ALA A 130 -17.19 -16.83 -0.16
CA ALA A 130 -17.73 -15.58 -0.65
C ALA A 130 -17.22 -15.43 -2.07
N GLY A 131 -15.99 -15.84 -2.37
CA GLY A 131 -15.45 -15.76 -3.73
C GLY A 131 -16.26 -16.60 -4.70
N ALA A 132 -16.56 -17.86 -4.35
CA ALA A 132 -17.36 -18.74 -5.20
C ALA A 132 -18.77 -18.24 -5.43
N LYS A 133 -19.39 -17.63 -4.39
CA LYS A 133 -20.74 -17.13 -4.48
C LYS A 133 -20.81 -15.89 -5.36
N TYR A 134 -19.92 -14.91 -5.21
CA TYR A 134 -20.02 -13.63 -5.94
C TYR A 134 -19.21 -13.52 -7.22
N GLY A 135 -18.53 -14.63 -7.55
CA GLY A 135 -17.79 -14.77 -8.77
C GLY A 135 -16.45 -14.10 -8.67
N VAL A 136 -15.67 -14.30 -7.60
CA VAL A 136 -14.37 -13.66 -7.46
C VAL A 136 -13.35 -14.79 -7.52
N GLY A 137 -12.27 -14.70 -8.30
CA GLY A 137 -11.24 -15.71 -8.34
C GLY A 137 -10.46 -15.72 -7.02
N PHE A 138 -10.01 -16.89 -6.60
CA PHE A 138 -9.38 -17.03 -5.29
C PHE A 138 -8.00 -17.64 -5.43
N TRP A 139 -6.96 -16.98 -4.95
CA TRP A 139 -5.63 -17.54 -4.99
C TRP A 139 -5.39 -17.98 -3.55
N ARG A 140 -5.18 -19.29 -3.42
CA ARG A 140 -5.06 -19.96 -2.13
C ARG A 140 -3.85 -19.52 -1.32
N PRO A 141 -3.85 -19.66 0.03
CA PRO A 141 -2.66 -19.43 0.86
C PRO A 141 -1.48 -20.20 0.32
N GLY A 142 -0.32 -19.55 0.20
CA GLY A 142 0.83 -20.21 -0.41
C GLY A 142 1.07 -19.72 -1.85
N SER A 143 0.05 -19.22 -2.55
CA SER A 143 0.12 -18.76 -3.93
C SER A 143 1.13 -17.66 -4.14
N GLY A 144 1.23 -16.66 -3.23
CA GLY A 144 2.19 -15.60 -3.39
C GLY A 144 1.60 -14.29 -2.91
N ILE A 145 2.44 -13.27 -2.87
CA ILE A 145 2.07 -11.92 -2.45
C ILE A 145 1.25 -11.31 -3.58
N ILE A 146 0.16 -10.61 -3.27
CA ILE A 146 -0.75 -10.07 -4.22
C ILE A 146 -0.09 -9.42 -5.45
N HIS A 147 0.93 -8.57 -5.25
CA HIS A 147 1.43 -7.76 -6.32
C HIS A 147 2.34 -8.50 -7.29
N GLN A 148 2.96 -9.59 -6.84
CA GLN A 148 3.79 -10.43 -7.67
C GLN A 148 2.85 -11.28 -8.51
N ILE A 149 1.76 -11.82 -7.96
CA ILE A 149 0.77 -12.58 -8.71
C ILE A 149 0.13 -11.67 -9.77
N ILE A 150 -0.17 -10.43 -9.43
CA ILE A 150 -0.71 -9.51 -10.39
C ILE A 150 0.32 -9.25 -11.49
N LEU A 151 1.60 -8.97 -11.24
CA LEU A 151 2.49 -8.65 -12.32
C LEU A 151 2.64 -9.86 -13.23
N GLU A 152 2.68 -11.03 -12.63
CA GLU A 152 2.82 -12.25 -13.37
C GLU A 152 1.61 -12.66 -14.17
N ASN A 153 0.40 -12.21 -13.83
CA ASN A 153 -0.77 -12.81 -14.44
C ASN A 153 -1.80 -11.85 -14.95
N TYR A 154 -1.83 -10.65 -14.37
CA TYR A 154 -2.95 -9.74 -14.55
C TYR A 154 -2.67 -8.35 -15.07
N ALA A 155 -1.48 -7.83 -14.78
CA ALA A 155 -1.13 -6.47 -15.19
C ALA A 155 -0.71 -6.49 -16.64
N TYR A 156 -1.13 -5.52 -17.43
CA TYR A 156 -0.68 -5.41 -18.80
C TYR A 156 -0.65 -3.94 -19.16
N PRO A 157 0.04 -3.49 -20.22
CA PRO A 157 0.11 -2.07 -20.57
C PRO A 157 -1.27 -1.41 -20.78
N GLY A 158 -1.57 -0.26 -20.20
CA GLY A 158 -2.88 0.35 -20.43
C GLY A 158 -4.01 -0.14 -19.52
N VAL A 159 -3.80 -1.11 -18.62
CA VAL A 159 -4.87 -1.52 -17.69
C VAL A 159 -5.14 -0.42 -16.68
N LEU A 160 -6.38 -0.30 -16.17
CA LEU A 160 -6.64 0.54 -15.02
C LEU A 160 -7.13 -0.48 -14.01
N LEU A 161 -6.33 -0.73 -12.98
CA LEU A 161 -6.64 -1.76 -11.98
C LEU A 161 -6.70 -1.09 -10.58
N ILE A 162 -7.67 -1.41 -9.72
CA ILE A 162 -7.61 -0.91 -8.36
C ILE A 162 -7.41 -2.11 -7.42
N GLY A 163 -6.71 -1.91 -6.33
CA GLY A 163 -6.45 -3.01 -5.42
C GLY A 163 -6.60 -2.53 -3.98
N THR A 164 -7.12 -3.33 -3.07
CA THR A 164 -7.23 -2.85 -1.70
C THR A 164 -5.90 -3.04 -0.93
N ASP A 165 -4.88 -2.30 -1.35
CA ASP A 165 -3.57 -2.39 -0.78
C ASP A 165 -2.81 -1.21 -1.37
N SER A 166 -2.13 -0.42 -0.56
CA SER A 166 -1.42 0.76 -0.99
C SER A 166 -0.25 0.45 -1.92
N HIS A 167 0.28 -0.77 -2.04
CA HIS A 167 1.37 -1.06 -2.97
C HIS A 167 0.87 -1.61 -4.32
N THR A 168 -0.42 -1.54 -4.66
CA THR A 168 -0.96 -1.90 -5.96
C THR A 168 -0.24 -1.13 -7.11
N PRO A 169 0.33 0.09 -6.97
CA PRO A 169 1.24 0.74 -7.95
C PRO A 169 2.38 -0.09 -8.54
N ASN A 170 2.69 -1.23 -7.92
CA ASN A 170 3.69 -2.19 -8.36
C ASN A 170 3.44 -2.52 -9.83
N GLY A 171 2.18 -2.67 -10.24
CA GLY A 171 1.77 -2.99 -11.62
C GLY A 171 2.13 -1.92 -12.65
N GLY A 172 2.57 -0.73 -12.23
CA GLY A 172 3.04 0.35 -13.10
C GLY A 172 4.31 -0.09 -13.82
N GLY A 173 4.99 -1.13 -13.30
CA GLY A 173 6.15 -1.69 -13.96
C GLY A 173 5.80 -2.43 -15.25
N LEU A 174 4.51 -2.73 -15.52
CA LEU A 174 4.09 -3.28 -16.79
C LEU A 174 3.18 -2.28 -17.52
N GLY A 175 3.36 -0.98 -17.26
CA GLY A 175 2.72 0.07 -18.05
C GLY A 175 1.26 0.31 -17.78
N GLY A 176 0.73 -0.17 -16.67
CA GLY A 176 -0.69 0.03 -16.36
C GLY A 176 -0.82 1.06 -15.27
N ILE A 177 -2.03 1.59 -15.05
CA ILE A 177 -2.31 2.51 -13.94
C ILE A 177 -3.02 1.63 -12.88
N CYS A 178 -2.36 1.48 -11.74
CA CYS A 178 -2.73 0.51 -10.72
C CYS A 178 -2.75 1.31 -9.44
N ILE A 179 -3.94 1.42 -8.83
CA ILE A 179 -4.15 2.38 -7.75
C ILE A 179 -4.70 1.70 -6.53
N GLY A 180 -4.02 2.05 -5.43
CA GLY A 180 -4.43 1.66 -4.08
C GLY A 180 -5.72 2.32 -3.60
N VAL A 181 -6.70 1.55 -3.09
CA VAL A 181 -7.97 2.07 -2.57
C VAL A 181 -8.36 1.29 -1.31
N GLY A 182 -9.34 1.86 -0.57
CA GLY A 182 -9.96 1.24 0.60
C GLY A 182 -11.02 0.24 0.13
N GLY A 183 -11.45 -0.71 0.97
CA GLY A 183 -12.44 -1.71 0.60
C GLY A 183 -13.72 -1.11 0.06
N ALA A 184 -14.24 0.01 0.57
CA ALA A 184 -15.48 0.58 0.04
C ALA A 184 -15.38 1.07 -1.40
N ASP A 185 -14.20 1.51 -1.85
CA ASP A 185 -13.99 1.90 -3.24
C ASP A 185 -14.04 0.69 -4.14
N ALA A 186 -13.46 -0.42 -3.71
CA ALA A 186 -13.50 -1.68 -4.42
C ALA A 186 -14.94 -2.15 -4.58
N VAL A 187 -15.80 -1.94 -3.57
CA VAL A 187 -17.22 -2.27 -3.60
C VAL A 187 -17.93 -1.47 -4.68
N ASP A 188 -17.66 -0.16 -4.86
CA ASP A 188 -18.22 0.62 -5.97
C ASP A 188 -18.01 -0.07 -7.32
N VAL A 189 -16.76 -0.42 -7.57
CA VAL A 189 -16.42 -1.01 -8.84
C VAL A 189 -17.00 -2.40 -8.97
N MET A 190 -16.96 -3.25 -7.94
CA MET A 190 -17.53 -4.57 -8.03
C MET A 190 -19.03 -4.46 -8.18
N ALA A 191 -19.63 -3.39 -7.68
CA ALA A 191 -21.05 -3.15 -7.78
C ALA A 191 -21.38 -2.56 -9.14
N GLY A 192 -20.42 -2.04 -9.93
CA GLY A 192 -20.72 -1.49 -11.24
C GLY A 192 -21.02 0.00 -11.24
N ILE A 193 -20.72 0.71 -10.15
CA ILE A 193 -20.99 2.12 -10.18
C ILE A 193 -19.64 2.79 -10.48
N PRO A 194 -19.61 3.96 -11.12
CA PRO A 194 -18.38 4.67 -11.49
C PRO A 194 -17.46 4.95 -10.30
N TRP A 195 -16.15 4.74 -10.41
CA TRP A 195 -15.24 5.01 -9.31
C TRP A 195 -14.77 6.46 -9.44
N GLU A 196 -14.65 7.26 -8.39
CA GLU A 196 -14.19 8.63 -8.51
C GLU A 196 -12.79 8.81 -8.01
N LEU A 197 -12.00 9.62 -8.73
CA LEU A 197 -10.65 9.90 -8.32
C LEU A 197 -10.35 11.35 -8.65
N LYS A 198 -9.78 12.09 -7.70
CA LYS A 198 -9.37 13.45 -7.95
C LYS A 198 -8.32 13.36 -9.03
N CYS A 199 -8.53 14.17 -10.06
CA CYS A 199 -7.65 14.24 -11.21
C CYS A 199 -6.21 14.49 -10.77
N PRO A 200 -5.25 13.61 -11.04
CA PRO A 200 -3.91 13.81 -10.53
C PRO A 200 -3.06 14.86 -11.22
N LYS A 201 -2.14 15.42 -10.45
CA LYS A 201 -1.02 16.18 -10.99
C LYS A 201 -0.05 15.15 -11.55
N VAL A 202 0.98 15.49 -12.32
CA VAL A 202 1.87 14.46 -12.85
C VAL A 202 3.28 14.96 -12.60
N ILE A 203 4.05 14.16 -11.86
CA ILE A 203 5.44 14.48 -11.61
C ILE A 203 6.21 13.64 -12.60
N GLY A 204 7.11 14.21 -13.38
CA GLY A 204 7.90 13.41 -14.31
C GLY A 204 9.28 13.19 -13.72
N VAL A 205 9.79 11.98 -13.82
CA VAL A 205 11.14 11.72 -13.38
C VAL A 205 11.85 11.20 -14.62
N LYS A 206 12.80 11.97 -15.10
CA LYS A 206 13.57 11.61 -16.27
C LYS A 206 14.83 10.88 -15.83
N LEU A 207 14.97 9.67 -16.33
CA LEU A 207 16.08 8.80 -16.01
C LEU A 207 17.02 8.87 -17.19
N THR A 208 18.28 9.07 -16.84
CA THR A 208 19.37 9.22 -17.78
C THR A 208 20.42 8.19 -17.46
N GLY A 209 21.34 7.83 -18.36
CA GLY A 209 22.43 6.91 -18.02
C GLY A 209 21.97 5.47 -17.90
N SER A 210 22.71 4.68 -17.14
CA SER A 210 22.29 3.32 -16.93
C SER A 210 22.86 2.84 -15.62
N LEU A 211 22.13 1.91 -15.01
CA LEU A 211 22.55 1.33 -13.74
C LEU A 211 23.82 0.52 -13.96
N SER A 212 24.76 0.61 -13.02
CA SER A 212 25.97 -0.20 -13.05
C SER A 212 26.35 -0.70 -11.66
N GLY A 213 26.83 -1.93 -11.65
CA GLY A 213 27.44 -2.55 -10.48
C GLY A 213 26.44 -2.87 -9.41
N TRP A 214 26.73 -2.31 -8.24
CA TRP A 214 25.90 -2.55 -7.08
C TRP A 214 24.62 -1.73 -7.15
N THR A 215 24.50 -0.66 -7.95
CA THR A 215 23.24 0.08 -7.98
C THR A 215 22.12 -0.74 -8.64
N SER A 216 20.95 -0.73 -8.01
CA SER A 216 19.88 -1.54 -8.48
C SER A 216 18.65 -0.65 -8.66
N PRO A 217 17.56 -1.12 -9.27
CA PRO A 217 16.32 -0.36 -9.38
C PRO A 217 15.83 0.21 -8.05
N LYS A 218 15.90 -0.53 -6.95
CA LYS A 218 15.52 -0.02 -5.63
C LYS A 218 16.17 1.32 -5.24
N ASP A 219 17.44 1.57 -5.61
CA ASP A 219 18.13 2.82 -5.27
C ASP A 219 17.51 4.01 -5.93
N VAL A 220 16.85 3.82 -7.08
CA VAL A 220 16.19 4.92 -7.78
C VAL A 220 15.05 5.42 -6.92
N ILE A 221 14.15 4.57 -6.44
CA ILE A 221 13.05 5.05 -5.60
C ILE A 221 13.55 5.37 -4.16
N LEU A 222 14.62 4.78 -3.59
CA LEU A 222 15.14 5.27 -2.30
C LEU A 222 15.65 6.69 -2.44
N LYS A 223 16.28 7.06 -3.55
CA LYS A 223 16.73 8.41 -3.82
C LYS A 223 15.56 9.36 -4.06
N VAL A 224 14.61 8.99 -4.90
CA VAL A 224 13.41 9.79 -5.15
C VAL A 224 12.66 10.06 -3.84
N ALA A 225 12.45 9.08 -2.93
CA ALA A 225 11.79 9.29 -1.62
C ALA A 225 12.55 10.33 -0.77
N GLY A 226 13.88 10.24 -0.72
CA GLY A 226 14.69 11.19 0.01
C GLY A 226 14.49 12.56 -0.60
N ILE A 227 14.38 12.71 -1.94
CA ILE A 227 14.17 13.99 -2.57
C ILE A 227 12.77 14.56 -2.35
N LEU A 228 11.72 13.79 -2.61
CA LEU A 228 10.36 14.29 -2.55
C LEU A 228 9.75 14.35 -1.15
N THR A 229 10.28 13.53 -0.27
CA THR A 229 9.88 13.25 1.11
C THR A 229 8.58 12.45 1.12
N VAL A 230 8.12 11.85 2.24
CA VAL A 230 6.88 11.10 2.30
C VAL A 230 5.63 11.88 1.95
N LYS A 231 5.66 13.19 1.95
CA LYS A 231 4.44 13.86 1.52
C LYS A 231 4.61 14.53 0.16
N GLY A 232 5.71 14.38 -0.58
CA GLY A 232 5.90 15.14 -1.81
C GLY A 232 5.12 14.60 -2.98
N GLY A 233 4.60 13.37 -2.96
CA GLY A 233 3.89 12.85 -4.11
C GLY A 233 2.41 12.93 -3.96
N THR A 234 1.88 13.50 -2.86
CA THR A 234 0.45 13.54 -2.60
C THR A 234 -0.36 14.13 -3.75
N GLY A 235 -1.33 13.40 -4.27
CA GLY A 235 -2.23 13.91 -5.30
C GLY A 235 -1.61 13.90 -6.70
N ALA A 236 -0.47 13.26 -6.90
CA ALA A 236 0.19 13.20 -8.19
C ALA A 236 0.48 11.78 -8.66
N ILE A 237 0.51 11.49 -9.97
CA ILE A 237 1.05 10.23 -10.45
C ILE A 237 2.50 10.49 -10.83
N VAL A 238 3.45 9.59 -10.55
CA VAL A 238 4.86 9.76 -10.91
C VAL A 238 5.05 9.00 -12.22
N GLU A 239 5.56 9.67 -13.24
CA GLU A 239 5.71 9.12 -14.57
C GLU A 239 7.20 9.12 -14.97
N TYR A 240 7.74 7.92 -15.01
CA TYR A 240 9.13 7.74 -15.35
C TYR A 240 9.28 7.73 -16.87
N HIS A 241 10.33 8.40 -17.36
CA HIS A 241 10.58 8.52 -18.78
C HIS A 241 12.07 8.79 -19.00
N GLY A 242 12.56 8.83 -20.24
CA GLY A 242 13.95 9.16 -20.49
C GLY A 242 14.69 7.92 -21.05
N PRO A 243 15.88 8.15 -21.62
CA PRO A 243 16.73 7.08 -22.15
C PRO A 243 17.15 6.03 -21.12
N GLY A 244 17.22 6.37 -19.83
CA GLY A 244 17.67 5.45 -18.83
C GLY A 244 16.64 4.38 -18.57
N VAL A 245 15.39 4.54 -18.97
CA VAL A 245 14.36 3.53 -18.73
C VAL A 245 14.69 2.17 -19.34
N ASP A 246 15.27 2.09 -20.54
CA ASP A 246 15.58 0.82 -21.17
C ASP A 246 16.68 0.06 -20.47
N SER A 247 17.39 0.70 -19.58
CA SER A 247 18.37 0.10 -18.71
C SER A 247 17.72 -0.76 -17.61
N ILE A 248 16.44 -0.64 -17.30
CA ILE A 248 15.84 -1.28 -16.12
C ILE A 248 14.98 -2.47 -16.54
N SER A 249 15.08 -3.62 -15.85
CA SER A 249 14.27 -4.81 -16.12
C SER A 249 12.80 -4.48 -15.81
N CYS A 250 11.85 -5.25 -16.32
CA CYS A 250 10.46 -5.08 -16.00
C CYS A 250 10.18 -5.24 -14.50
N THR A 251 10.74 -6.21 -13.76
CA THR A 251 10.53 -6.28 -12.32
C THR A 251 11.23 -5.15 -11.61
N GLY A 252 12.33 -4.68 -12.19
CA GLY A 252 12.99 -3.50 -11.66
C GLY A 252 12.06 -2.30 -11.74
N MET A 253 11.32 -2.14 -12.83
CA MET A 253 10.40 -1.02 -12.97
C MET A 253 9.27 -1.16 -11.98
N ALA A 254 8.80 -2.40 -11.73
CA ALA A 254 7.75 -2.65 -10.75
C ALA A 254 8.25 -2.29 -9.34
N THR A 255 9.49 -2.59 -8.96
CA THR A 255 10.09 -2.16 -7.68
C THR A 255 10.00 -0.65 -7.48
N ILE A 256 10.37 0.12 -8.51
CA ILE A 256 10.37 1.59 -8.42
C ILE A 256 8.92 2.10 -8.31
N CYS A 257 7.98 1.58 -9.11
CA CYS A 257 6.60 2.02 -9.00
C CYS A 257 6.02 1.64 -7.63
N ASN A 258 6.35 0.46 -7.09
CA ASN A 258 5.84 -0.06 -5.83
C ASN A 258 6.05 0.95 -4.68
N MET A 259 7.32 1.34 -4.50
CA MET A 259 7.64 2.16 -3.35
C MET A 259 7.32 3.65 -3.51
N GLY A 260 6.77 4.05 -4.65
CA GLY A 260 6.24 5.40 -4.80
C GLY A 260 5.06 5.60 -3.87
N ALA A 261 4.52 4.51 -3.31
CA ALA A 261 3.50 4.60 -2.27
C ALA A 261 4.04 5.33 -1.03
N GLU A 262 5.34 5.25 -0.75
CA GLU A 262 5.89 5.93 0.41
C GLU A 262 6.08 7.44 0.25
N ILE A 263 5.83 8.02 -0.92
CA ILE A 263 5.86 9.49 -1.01
C ILE A 263 4.41 9.95 -1.16
N GLY A 264 3.43 9.04 -1.05
CA GLY A 264 2.00 9.44 -1.05
C GLY A 264 1.39 9.64 -2.42
N ALA A 265 2.12 9.23 -3.47
CA ALA A 265 1.71 9.37 -4.84
C ALA A 265 0.43 8.62 -5.12
N THR A 266 -0.47 9.07 -6.00
CA THR A 266 -1.59 8.24 -6.38
C THR A 266 -1.19 6.91 -7.03
N THR A 267 -0.13 6.87 -7.84
CA THR A 267 0.46 5.67 -8.42
C THR A 267 1.68 6.14 -9.23
N SER A 268 2.39 5.23 -9.88
CA SER A 268 3.56 5.52 -10.69
C SER A 268 3.45 4.66 -11.95
N VAL A 269 4.05 5.06 -13.08
CA VAL A 269 3.95 4.25 -14.30
C VAL A 269 5.20 4.46 -15.14
N PHE A 270 5.54 3.42 -15.91
CA PHE A 270 6.61 3.43 -16.91
C PHE A 270 5.97 3.26 -18.29
N PRO A 271 6.51 3.82 -19.41
CA PRO A 271 6.00 3.60 -20.77
C PRO A 271 6.29 2.21 -21.30
N TYR A 272 5.38 1.70 -22.11
CA TYR A 272 5.55 0.40 -22.71
C TYR A 272 6.85 0.39 -23.48
N ASN A 273 7.66 -0.66 -23.35
CA ASN A 273 8.92 -0.73 -24.01
C ASN A 273 9.25 -2.19 -24.15
N HIS A 274 10.41 -2.44 -24.78
CA HIS A 274 10.86 -3.78 -25.09
C HIS A 274 11.15 -4.61 -23.84
N ARG A 275 11.51 -4.06 -22.67
CA ARG A 275 11.74 -4.89 -21.48
C ARG A 275 10.41 -5.47 -21.01
N MET A 276 9.31 -4.72 -21.13
CA MET A 276 7.99 -5.17 -20.77
C MET A 276 7.54 -6.24 -21.72
N LYS A 277 7.79 -6.04 -23.01
CA LYS A 277 7.40 -7.01 -24.01
C LYS A 277 7.99 -8.40 -23.75
N LYS A 278 9.28 -8.35 -23.40
CA LYS A 278 10.04 -9.53 -23.06
C LYS A 278 9.45 -10.20 -21.83
N TYR A 279 9.10 -9.43 -20.80
CA TYR A 279 8.50 -10.03 -19.61
C TYR A 279 7.15 -10.66 -19.95
N LEU A 280 6.27 -10.00 -20.71
CA LEU A 280 4.97 -10.55 -21.12
C LEU A 280 5.13 -11.85 -21.86
N SER A 281 6.10 -11.93 -22.77
CA SER A 281 6.31 -13.15 -23.51
C SER A 281 6.82 -14.25 -22.61
N LYS A 282 7.72 -13.99 -21.68
CA LYS A 282 8.20 -15.04 -20.81
C LYS A 282 7.11 -15.41 -19.80
N THR A 283 6.05 -14.62 -19.56
CA THR A 283 5.00 -15.10 -18.68
C THR A 283 3.75 -15.56 -19.42
N GLY A 284 3.93 -16.14 -20.61
CA GLY A 284 2.84 -16.73 -21.39
C GLY A 284 1.92 -15.72 -22.05
N ARG A 285 2.30 -14.48 -22.24
CA ARG A 285 1.39 -13.46 -22.71
C ARG A 285 1.95 -12.69 -23.93
N ALA A 286 2.57 -13.46 -24.84
CA ALA A 286 3.09 -12.95 -26.11
C ALA A 286 1.99 -12.28 -26.93
N ASP A 287 0.76 -12.81 -26.97
CA ASP A 287 -0.36 -12.20 -27.69
C ASP A 287 -0.73 -10.82 -27.19
N ILE A 288 -0.64 -10.61 -25.87
CA ILE A 288 -0.88 -9.31 -25.25
C ILE A 288 0.26 -8.38 -25.66
N ALA A 289 1.53 -8.79 -25.64
CA ALA A 289 2.62 -7.93 -26.09
C ALA A 289 2.46 -7.54 -27.56
N ASN A 290 1.95 -8.47 -28.38
CA ASN A 290 1.77 -8.23 -29.81
C ASN A 290 0.67 -7.22 -30.01
N LEU A 291 -0.45 -7.33 -29.25
CA LEU A 291 -1.51 -6.33 -29.34
C LEU A 291 -1.04 -4.98 -28.86
N ALA A 292 -0.28 -4.92 -27.77
CA ALA A 292 0.25 -3.67 -27.24
C ALA A 292 1.19 -3.07 -28.27
N ASP A 293 1.96 -3.84 -29.05
CA ASP A 293 2.77 -3.29 -30.15
C ASP A 293 1.91 -2.59 -31.18
N GLU A 294 0.73 -3.10 -31.52
CA GLU A 294 -0.17 -2.43 -32.42
C GLU A 294 -0.79 -1.18 -31.82
N PHE A 295 -0.98 -1.08 -30.50
CA PHE A 295 -1.51 0.15 -29.90
C PHE A 295 -0.51 1.00 -29.16
N LYS A 296 0.76 0.76 -29.43
CA LYS A 296 1.92 1.38 -28.83
C LYS A 296 1.83 2.87 -28.70
N ASP A 297 1.30 3.61 -29.67
CA ASP A 297 1.24 5.05 -29.56
C ASP A 297 0.48 5.57 -28.35
N HIS A 298 -0.50 4.77 -27.93
CA HIS A 298 -1.38 5.13 -26.82
C HIS A 298 -0.81 4.68 -25.46
N LEU A 299 0.35 3.97 -25.51
CA LEU A 299 0.99 3.35 -24.36
C LEU A 299 2.32 4.00 -24.04
N VAL A 300 2.64 5.15 -24.63
CA VAL A 300 3.83 5.92 -24.34
C VAL A 300 3.35 7.35 -24.20
N PRO A 301 4.03 8.30 -23.55
CA PRO A 301 3.58 9.69 -23.49
C PRO A 301 3.62 10.43 -24.83
N ASP A 302 2.81 11.48 -24.97
CA ASP A 302 2.89 12.30 -26.16
C ASP A 302 4.13 13.15 -26.09
N SER A 303 4.61 13.46 -27.27
CA SER A 303 5.79 14.25 -27.41
C SER A 303 5.43 15.61 -26.88
N GLY A 304 6.32 16.14 -26.05
CA GLY A 304 6.11 17.45 -25.50
C GLY A 304 5.03 17.52 -24.42
N CYS A 305 4.64 16.43 -23.74
CA CYS A 305 3.63 16.58 -22.68
C CYS A 305 4.17 17.36 -21.45
N HIS A 306 3.31 18.06 -20.68
CA HIS A 306 3.76 18.88 -19.54
C HIS A 306 3.64 18.14 -18.21
N TYR A 307 4.74 18.07 -17.49
CA TYR A 307 4.78 17.56 -16.12
C TYR A 307 4.68 18.73 -15.13
N ASP A 308 3.97 18.61 -14.02
CA ASP A 308 3.83 19.69 -13.06
C ASP A 308 5.12 19.87 -12.28
N GLN A 309 5.94 18.82 -12.24
CA GLN A 309 7.23 18.91 -11.59
C GLN A 309 8.13 17.97 -12.36
N LEU A 310 9.41 18.27 -12.60
CA LEU A 310 10.27 17.35 -13.30
C LEU A 310 11.46 17.14 -12.42
N ILE A 311 11.92 15.91 -12.29
CA ILE A 311 13.09 15.58 -11.49
C ILE A 311 13.93 14.76 -12.45
N GLU A 312 15.25 14.90 -12.47
CA GLU A 312 16.08 14.09 -13.37
C GLU A 312 17.02 13.28 -12.52
N ILE A 313 17.17 12.00 -12.82
CA ILE A 313 18.13 11.19 -12.12
C ILE A 313 19.03 10.51 -13.15
N ASN A 314 20.31 10.72 -12.95
CA ASN A 314 21.32 10.09 -13.78
C ASN A 314 21.70 8.80 -13.10
N LEU A 315 21.22 7.73 -13.67
CA LEU A 315 21.43 6.37 -13.22
C LEU A 315 22.91 6.00 -13.15
N SER A 316 23.75 6.58 -14.00
CA SER A 316 25.17 6.26 -13.99
C SER A 316 25.89 6.82 -12.79
N GLU A 317 25.41 7.91 -12.17
CA GLU A 317 26.03 8.40 -10.95
C GLU A 317 25.34 7.93 -9.67
N LEU A 318 24.24 7.17 -9.75
CA LEU A 318 23.52 6.74 -8.57
C LEU A 318 24.30 5.62 -7.84
N LYS A 319 24.40 5.75 -6.53
CA LYS A 319 25.10 4.77 -5.74
C LYS A 319 24.14 4.05 -4.81
N PRO A 320 24.44 2.88 -4.26
CA PRO A 320 23.55 2.19 -3.33
C PRO A 320 23.09 3.04 -2.13
N HIS A 321 21.82 2.98 -1.74
CA HIS A 321 21.23 3.73 -0.66
C HIS A 321 20.62 2.75 0.31
N ILE A 322 20.36 3.26 1.51
CA ILE A 322 19.70 2.54 2.58
C ILE A 322 18.91 3.63 3.33
N ASN A 323 17.60 3.40 3.53
CA ASN A 323 16.77 4.42 4.10
C ASN A 323 16.18 4.06 5.45
N GLY A 324 16.04 5.03 6.34
CA GLY A 324 15.47 4.80 7.66
C GLY A 324 16.38 5.38 8.73
N PRO A 325 16.12 5.24 10.04
CA PRO A 325 15.32 4.19 10.59
C PRO A 325 13.87 4.41 10.91
N PHE A 326 13.05 5.42 10.80
CA PHE A 326 11.61 5.17 11.19
C PHE A 326 10.62 5.70 10.15
N THR A 327 11.21 6.24 9.08
CA THR A 327 10.54 6.82 7.92
C THR A 327 11.32 6.27 6.74
N PRO A 328 10.66 6.02 5.60
CA PRO A 328 11.35 5.53 4.41
C PRO A 328 12.00 6.67 3.59
N ASP A 329 11.89 7.97 3.93
CA ASP A 329 12.47 9.06 3.15
C ASP A 329 13.72 9.62 3.81
N LEU A 330 14.26 8.96 4.84
CA LEU A 330 15.48 9.42 5.46
C LEU A 330 16.51 8.60 4.70
N ALA A 331 17.08 9.16 3.64
CA ALA A 331 17.95 8.39 2.75
C ALA A 331 19.41 8.52 2.99
N HIS A 332 20.23 7.48 3.05
CA HIS A 332 21.66 7.63 3.27
C HIS A 332 22.30 6.78 2.18
N PRO A 333 23.42 7.15 1.57
CA PRO A 333 24.24 6.24 0.78
C PRO A 333 24.73 5.14 1.71
N VAL A 334 24.88 3.91 1.21
CA VAL A 334 25.32 2.80 2.04
C VAL A 334 26.71 3.14 2.61
N ALA A 335 27.52 3.78 1.76
CA ALA A 335 28.84 4.28 2.14
C ALA A 335 28.84 5.16 3.37
N GLU A 336 27.76 5.86 3.74
CA GLU A 336 27.78 6.71 4.91
C GLU A 336 26.88 6.26 6.04
N VAL A 337 26.03 5.23 5.88
CA VAL A 337 25.12 4.90 6.96
C VAL A 337 25.89 4.46 8.19
N GLY A 338 27.03 3.77 8.05
CA GLY A 338 27.87 3.33 9.15
C GLY A 338 28.27 4.48 10.07
N SER A 339 28.58 5.63 9.51
CA SER A 339 28.97 6.79 10.30
C SER A 339 27.81 7.63 10.81
N VAL A 340 26.67 7.67 10.11
CA VAL A 340 25.53 8.39 10.63
C VAL A 340 24.93 7.60 11.78
N ALA A 341 24.92 6.27 11.71
CA ALA A 341 24.39 5.43 12.76
C ALA A 341 25.14 5.62 14.08
N GLU A 342 26.46 5.66 13.94
CA GLU A 342 27.41 5.87 15.03
C GLU A 342 27.10 7.21 15.69
N LYS A 343 27.00 8.26 14.89
CA LYS A 343 26.66 9.56 15.41
C LYS A 343 25.26 9.59 16.02
N GLU A 344 24.24 8.93 15.48
CA GLU A 344 22.89 9.09 15.99
C GLU A 344 22.48 8.11 17.08
N GLY A 345 23.36 7.16 17.38
CA GLY A 345 23.08 6.16 18.38
C GLY A 345 22.13 5.09 17.90
N TRP A 346 22.12 4.84 16.60
CA TRP A 346 21.35 3.75 16.04
C TRP A 346 22.21 2.49 16.19
N PRO A 347 21.69 1.34 16.65
CA PRO A 347 22.50 0.12 16.81
C PRO A 347 23.22 -0.26 15.51
N LEU A 348 24.52 -0.47 15.60
CA LEU A 348 25.30 -0.80 14.42
C LEU A 348 25.22 -2.27 14.02
N ASP A 349 25.03 -3.15 14.98
CA ASP A 349 24.97 -4.56 14.70
C ASP A 349 23.56 -4.91 14.28
N ILE A 350 23.59 -5.68 13.20
CA ILE A 350 22.39 -6.08 12.48
C ILE A 350 22.01 -7.45 12.99
N ARG A 351 20.83 -7.51 13.58
CA ARG A 351 20.39 -8.77 14.13
C ARG A 351 19.82 -9.67 13.03
N VAL A 352 18.98 -9.11 12.15
CA VAL A 352 18.31 -9.88 11.10
C VAL A 352 18.37 -9.09 9.78
N GLY A 353 18.63 -9.77 8.67
CA GLY A 353 18.57 -9.23 7.32
C GLY A 353 17.42 -9.95 6.62
N LEU A 354 16.44 -9.23 6.08
CA LEU A 354 15.29 -9.87 5.48
C LEU A 354 15.09 -9.47 4.02
N ILE A 355 15.12 -10.41 3.07
CA ILE A 355 14.88 -10.09 1.68
C ILE A 355 13.54 -10.63 1.22
N GLY A 356 13.00 -9.98 0.20
CA GLY A 356 11.70 -10.32 -0.29
C GLY A 356 10.75 -9.14 -0.16
N SER A 357 9.50 -9.56 0.09
CA SER A 357 8.30 -8.76 0.09
C SER A 357 7.95 -8.45 -1.38
N CYS A 358 6.82 -7.81 -1.68
CA CYS A 358 6.45 -7.53 -3.06
C CYS A 358 7.42 -6.57 -3.74
N THR A 359 8.13 -5.78 -2.93
CA THR A 359 9.00 -4.79 -3.47
C THR A 359 10.21 -5.45 -4.06
N ASN A 360 10.67 -6.61 -3.62
CA ASN A 360 11.97 -7.06 -4.04
C ASN A 360 12.06 -8.54 -3.88
N SER A 361 11.16 -9.23 -4.57
CA SER A 361 11.16 -10.68 -4.49
C SER A 361 11.14 -11.35 -5.83
N SER A 362 11.66 -10.68 -6.86
CA SER A 362 11.67 -11.14 -8.22
C SER A 362 12.74 -12.15 -8.46
N TYR A 363 12.66 -12.90 -9.57
CA TYR A 363 13.73 -13.79 -9.99
C TYR A 363 15.10 -13.11 -10.09
N GLU A 364 15.16 -11.91 -10.69
CA GLU A 364 16.38 -11.11 -10.74
C GLU A 364 16.89 -10.74 -9.35
N ASP A 365 16.02 -10.36 -8.41
CA ASP A 365 16.42 -9.98 -7.07
C ASP A 365 17.03 -11.17 -6.36
N MET A 366 16.38 -12.32 -6.47
CA MET A 366 16.88 -13.55 -5.90
C MET A 366 18.21 -13.98 -6.52
N GLY A 367 18.42 -13.79 -7.83
CA GLY A 367 19.68 -14.14 -8.46
C GLY A 367 20.78 -13.18 -8.04
N ARG A 368 20.48 -11.89 -7.91
CA ARG A 368 21.47 -10.92 -7.47
C ARG A 368 21.90 -11.22 -6.03
N SER A 369 20.97 -11.49 -5.10
CA SER A 369 21.29 -11.90 -3.75
C SER A 369 22.07 -13.24 -3.79
N ALA A 370 21.72 -14.23 -4.59
CA ALA A 370 22.47 -15.48 -4.65
C ALA A 370 23.89 -15.26 -5.15
N ALA A 371 24.09 -14.27 -6.03
CA ALA A 371 25.39 -13.93 -6.53
C ALA A 371 26.31 -13.36 -5.48
N VAL A 372 25.79 -12.63 -4.49
CA VAL A 372 26.59 -12.10 -3.37
C VAL A 372 26.93 -13.27 -2.43
N ALA A 373 25.90 -14.05 -2.11
CA ALA A 373 26.04 -15.19 -1.24
C ALA A 373 27.00 -16.22 -1.80
N LYS A 374 27.03 -16.59 -3.09
CA LYS A 374 27.98 -17.62 -3.55
C LYS A 374 29.42 -17.18 -3.34
N GLN A 375 29.72 -15.88 -3.38
CA GLN A 375 31.05 -15.38 -3.19
C GLN A 375 31.52 -15.57 -1.76
N ALA A 376 30.58 -15.37 -0.81
CA ALA A 376 30.88 -15.55 0.59
C ALA A 376 31.12 -17.03 0.88
N LEU A 377 30.26 -17.87 0.33
CA LEU A 377 30.40 -19.31 0.44
C LEU A 377 31.73 -19.82 -0.10
N ALA A 378 32.18 -19.31 -1.25
CA ALA A 378 33.47 -19.59 -1.85
C ALA A 378 34.63 -19.27 -0.89
N HIS A 379 34.46 -18.34 0.05
CA HIS A 379 35.49 -18.08 1.08
C HIS A 379 35.20 -18.71 2.46
N GLY A 380 34.24 -19.64 2.51
CA GLY A 380 33.88 -20.33 3.72
C GLY A 380 33.19 -19.44 4.74
N LEU A 381 32.45 -18.43 4.32
CA LEU A 381 31.70 -17.65 5.28
C LEU A 381 30.22 -17.95 5.16
N LYS A 382 29.46 -17.65 6.21
CA LYS A 382 28.01 -17.74 6.24
C LYS A 382 27.62 -16.42 6.87
N CYS A 383 26.32 -16.13 6.92
CA CYS A 383 25.82 -14.90 7.50
C CYS A 383 26.12 -14.75 8.96
N LYS A 384 26.48 -13.53 9.36
CA LYS A 384 26.68 -13.23 10.76
C LYS A 384 25.30 -12.95 11.28
N SER A 385 24.47 -12.13 10.61
CA SER A 385 23.10 -11.87 11.08
C SER A 385 22.22 -13.05 10.76
N GLN A 386 21.05 -13.08 11.38
CA GLN A 386 20.02 -14.02 10.97
C GLN A 386 19.58 -13.59 9.55
N PHE A 387 19.07 -14.44 8.65
CA PHE A 387 18.82 -14.05 7.29
C PHE A 387 17.54 -14.73 6.79
N THR A 388 16.47 -14.02 6.43
CA THR A 388 15.27 -14.69 5.94
C THR A 388 15.02 -14.35 4.44
N ILE A 389 14.32 -15.20 3.68
CA ILE A 389 14.10 -14.98 2.26
C ILE A 389 12.63 -15.26 2.01
N THR A 390 11.89 -14.27 1.50
CA THR A 390 10.50 -14.46 1.13
C THR A 390 10.38 -14.48 -0.40
N PRO A 391 10.11 -15.60 -1.11
CA PRO A 391 9.77 -15.58 -2.52
C PRO A 391 8.42 -14.89 -2.70
N GLY A 392 8.29 -14.11 -3.77
CA GLY A 392 7.07 -13.37 -4.04
C GLY A 392 5.90 -14.22 -4.49
N SER A 393 6.10 -15.40 -5.09
CA SER A 393 4.99 -16.21 -5.57
C SER A 393 5.50 -17.62 -5.65
N GLU A 394 4.60 -18.55 -5.92
CA GLU A 394 4.93 -19.96 -6.05
C GLU A 394 5.78 -20.23 -7.30
N GLN A 395 5.49 -19.51 -8.39
CA GLN A 395 6.31 -19.58 -9.60
C GLN A 395 7.73 -19.16 -9.32
N ILE A 396 7.98 -18.01 -8.68
CA ILE A 396 9.35 -17.64 -8.31
C ILE A 396 9.98 -18.67 -7.37
N ARG A 397 9.31 -19.15 -6.32
CA ARG A 397 9.85 -20.18 -5.43
C ARG A 397 10.22 -21.42 -6.26
N ALA A 398 9.33 -22.00 -7.08
CA ALA A 398 9.64 -23.17 -7.87
C ALA A 398 10.79 -22.91 -8.84
N THR A 399 10.88 -21.74 -9.47
CA THR A 399 11.97 -21.44 -10.39
C THR A 399 13.29 -21.14 -9.68
N ILE A 400 13.37 -20.43 -8.56
CA ILE A 400 14.68 -20.23 -7.95
C ILE A 400 15.18 -21.50 -7.29
N GLU A 401 14.24 -22.39 -6.98
CA GLU A 401 14.58 -23.68 -6.43
C GLU A 401 15.24 -24.48 -7.55
N ARG A 402 14.58 -24.50 -8.71
CA ARG A 402 15.08 -25.17 -9.89
C ARG A 402 16.41 -24.63 -10.38
N ASP A 403 16.59 -23.32 -10.44
CA ASP A 403 17.81 -22.76 -10.99
C ASP A 403 18.88 -22.63 -9.97
N GLY A 404 18.70 -23.17 -8.78
CA GLY A 404 19.78 -23.24 -7.81
C GLY A 404 19.97 -22.06 -6.88
N TYR A 405 19.17 -21.00 -6.93
CA TYR A 405 19.40 -19.85 -6.08
C TYR A 405 18.95 -20.11 -4.65
N ALA A 406 17.85 -20.87 -4.44
CA ALA A 406 17.36 -21.12 -3.11
C ALA A 406 18.40 -21.90 -2.30
N GLN A 407 19.04 -22.93 -2.89
CA GLN A 407 20.06 -23.66 -2.15
C GLN A 407 21.28 -22.80 -1.78
N VAL A 408 21.75 -21.84 -2.59
CA VAL A 408 22.86 -20.98 -2.24
C VAL A 408 22.48 -20.15 -1.01
N LEU A 409 21.26 -19.64 -1.03
CA LEU A 409 20.75 -18.81 0.05
C LEU A 409 20.57 -19.65 1.30
N ARG A 410 20.12 -20.91 1.21
CA ARG A 410 20.14 -21.78 2.38
C ARG A 410 21.57 -22.04 2.82
N ASP A 411 22.53 -22.35 1.96
CA ASP A 411 23.88 -22.62 2.42
C ASP A 411 24.53 -21.42 3.09
N VAL A 412 24.31 -20.13 2.77
CA VAL A 412 24.93 -19.04 3.55
C VAL A 412 24.25 -18.86 4.89
N GLY A 413 23.19 -19.58 5.25
CA GLY A 413 22.54 -19.43 6.54
C GLY A 413 21.12 -18.88 6.46
N GLY A 414 20.46 -18.85 5.31
CA GLY A 414 19.14 -18.27 5.21
C GLY A 414 18.00 -19.23 5.44
N ILE A 415 16.86 -18.70 5.90
CA ILE A 415 15.67 -19.52 6.07
C ILE A 415 14.66 -18.99 5.03
N VAL A 416 14.11 -19.90 4.22
CA VAL A 416 13.13 -19.54 3.20
C VAL A 416 11.76 -19.60 3.84
N LEU A 417 11.06 -18.46 3.87
CA LEU A 417 9.76 -18.34 4.48
C LEU A 417 8.69 -18.63 3.43
N ALA A 418 7.44 -18.75 3.83
CA ALA A 418 6.36 -18.97 2.87
C ALA A 418 6.20 -17.76 1.91
N ASN A 419 5.47 -17.91 0.79
CA ASN A 419 5.30 -16.88 -0.24
C ASN A 419 4.20 -15.99 0.32
N ALA A 420 4.52 -15.09 1.24
CA ALA A 420 3.56 -14.27 1.95
C ALA A 420 4.25 -13.08 2.57
N CYS A 421 3.49 -12.04 2.95
CA CYS A 421 4.03 -10.84 3.57
C CYS A 421 4.89 -11.11 4.79
N GLY A 422 4.36 -11.89 5.70
CA GLY A 422 5.14 -12.36 6.86
C GLY A 422 5.70 -11.16 7.61
N PRO A 423 7.03 -11.07 7.82
CA PRO A 423 7.66 -10.04 8.61
C PRO A 423 7.35 -8.66 8.09
N CYS A 424 7.02 -8.49 6.79
CA CYS A 424 6.67 -7.17 6.34
C CYS A 424 5.43 -6.57 7.04
N ILE A 425 4.33 -7.24 7.43
CA ILE A 425 3.23 -6.55 8.15
C ILE A 425 3.28 -7.02 9.63
N GLY A 426 4.43 -7.45 10.17
CA GLY A 426 4.56 -7.88 11.55
C GLY A 426 4.08 -9.28 11.75
N GLN A 427 3.94 -10.18 10.77
CA GLN A 427 3.48 -11.56 11.02
C GLN A 427 4.74 -12.39 11.15
N TRP A 428 5.35 -12.27 12.33
CA TRP A 428 6.66 -12.79 12.57
C TRP A 428 6.72 -13.13 14.05
N ASP A 429 6.92 -14.39 14.43
CA ASP A 429 7.10 -14.73 15.83
C ASP A 429 8.58 -14.55 16.15
N ARG A 430 8.97 -13.30 16.36
CA ARG A 430 10.34 -12.89 16.63
C ARG A 430 10.74 -13.06 18.11
N LYS A 431 11.76 -13.85 18.43
CA LYS A 431 12.04 -14.12 19.82
C LYS A 431 13.41 -13.75 20.28
N ASP A 432 14.28 -13.35 19.33
CA ASP A 432 15.66 -12.99 19.65
C ASP A 432 15.89 -11.68 20.40
N ILE A 433 14.92 -10.78 20.56
CA ILE A 433 15.12 -9.54 21.32
C ILE A 433 13.96 -9.43 22.27
N LYS A 434 13.98 -8.66 23.35
CA LYS A 434 12.84 -8.53 24.24
C LYS A 434 12.06 -7.33 23.73
N LYS A 435 10.80 -7.10 24.11
CA LYS A 435 10.15 -5.88 23.63
C LYS A 435 10.85 -4.71 24.31
N GLY A 436 10.93 -3.59 23.64
CA GLY A 436 11.63 -2.43 24.15
C GLY A 436 13.15 -2.55 23.99
N GLU A 437 13.71 -3.62 23.45
CA GLU A 437 15.16 -3.72 23.31
C GLU A 437 15.55 -3.04 22.01
N LYS A 438 16.50 -2.12 22.09
CA LYS A 438 16.98 -1.37 20.97
C LYS A 438 17.80 -2.29 20.10
N ASN A 439 17.49 -2.37 18.80
CA ASN A 439 18.24 -3.24 17.87
C ASN A 439 18.00 -2.79 16.42
N THR A 440 18.79 -3.29 15.47
CA THR A 440 18.72 -2.95 14.05
C THR A 440 18.46 -4.17 13.18
N ILE A 441 17.44 -4.06 12.30
CA ILE A 441 17.24 -5.03 11.23
C ILE A 441 17.31 -4.30 9.88
N VAL A 442 17.79 -4.93 8.81
CA VAL A 442 17.81 -4.29 7.50
C VAL A 442 17.02 -5.21 6.55
N THR A 443 16.14 -4.58 5.76
CA THR A 443 15.19 -5.30 4.90
C THR A 443 15.25 -4.86 3.44
N SER A 444 14.76 -5.64 2.49
CA SER A 444 14.56 -5.11 1.15
C SER A 444 13.06 -4.82 1.04
N TYR A 445 12.41 -4.30 2.09
CA TYR A 445 10.97 -4.01 2.04
C TYR A 445 10.76 -2.56 1.63
N ASN A 446 9.78 -1.84 2.16
CA ASN A 446 9.47 -0.48 1.74
C ASN A 446 9.13 0.42 2.93
N ARG A 447 8.20 0.10 3.82
CA ARG A 447 7.93 0.95 4.98
C ARG A 447 8.71 0.40 6.15
N ASN A 448 9.00 1.31 7.07
CA ASN A 448 9.82 0.96 8.22
C ASN A 448 9.36 1.73 9.44
N PHE A 449 8.04 1.93 9.49
CA PHE A 449 7.39 2.65 10.57
C PHE A 449 7.49 1.90 11.91
N THR A 450 7.47 2.67 13.00
CA THR A 450 7.53 2.20 14.40
C THR A 450 6.68 0.96 14.71
N GLY A 451 7.40 -0.04 15.23
CA GLY A 451 6.88 -1.32 15.59
C GLY A 451 6.16 -2.12 14.52
N ARG A 452 6.30 -1.83 13.23
CA ARG A 452 5.58 -2.55 12.18
C ARG A 452 6.08 -3.96 11.90
N ASN A 453 7.36 -4.29 12.02
CA ASN A 453 7.82 -5.63 11.70
C ASN A 453 7.74 -6.60 12.85
N ASP A 454 7.83 -6.11 14.10
CA ASP A 454 7.88 -7.02 15.23
C ASP A 454 7.22 -6.46 16.48
N ALA A 455 6.43 -5.41 16.31
CA ALA A 455 5.74 -4.69 17.37
C ALA A 455 6.69 -4.12 18.41
N ASN A 456 7.99 -4.05 18.19
CA ASN A 456 8.89 -3.47 19.14
C ASN A 456 9.19 -2.07 18.64
N PRO A 457 8.77 -1.00 19.32
CA PRO A 457 9.06 0.37 18.95
C PRO A 457 10.53 0.74 18.90
N GLU A 458 11.40 -0.02 19.56
CA GLU A 458 12.80 0.27 19.48
C GLU A 458 13.54 -0.49 18.39
N THR A 459 12.87 -1.24 17.51
CA THR A 459 13.56 -1.90 16.39
C THR A 459 13.79 -0.79 15.36
N HIS A 460 15.03 -0.63 14.93
CA HIS A 460 15.49 0.36 13.98
C HIS A 460 15.49 -0.39 12.65
N ALA A 461 14.57 -0.15 11.72
CA ALA A 461 14.53 -0.91 10.47
C ALA A 461 14.90 -0.02 9.29
N PHE A 462 15.88 -0.49 8.52
CA PHE A 462 16.42 0.21 7.36
C PHE A 462 16.00 -0.56 6.10
N VAL A 463 15.57 0.12 5.02
CA VAL A 463 15.17 -0.55 3.79
C VAL A 463 16.22 -0.26 2.71
N THR A 464 16.65 -1.32 2.01
CA THR A 464 17.62 -1.22 0.95
C THR A 464 17.31 -2.29 -0.13
N SER A 465 18.22 -2.54 -1.07
CA SER A 465 18.12 -3.56 -2.12
C SER A 465 18.44 -4.97 -1.57
N PRO A 466 17.95 -6.09 -2.14
CA PRO A 466 18.24 -7.42 -1.62
C PRO A 466 19.72 -7.81 -1.66
N GLU A 467 20.49 -7.38 -2.64
CA GLU A 467 21.92 -7.67 -2.69
C GLU A 467 22.62 -6.87 -1.60
N ILE A 468 22.21 -5.65 -1.24
CA ILE A 468 22.89 -4.98 -0.16
C ILE A 468 22.49 -5.65 1.17
N VAL A 469 21.22 -6.09 1.40
CA VAL A 469 20.85 -6.82 2.63
C VAL A 469 21.74 -8.05 2.72
N THR A 470 21.92 -8.80 1.63
CA THR A 470 22.74 -10.00 1.70
C THR A 470 24.19 -9.66 2.09
N ALA A 471 24.77 -8.62 1.50
CA ALA A 471 26.14 -8.24 1.80
C ALA A 471 26.26 -7.82 3.26
N LEU A 472 25.36 -6.96 3.75
CA LEU A 472 25.38 -6.55 5.15
C LEU A 472 25.03 -7.68 6.10
N ALA A 473 24.26 -8.71 5.73
CA ALA A 473 23.93 -9.82 6.62
C ALA A 473 25.16 -10.71 6.83
N ILE A 474 25.99 -10.81 5.79
CA ILE A 474 27.24 -11.54 5.84
C ILE A 474 28.21 -10.78 6.76
N ALA A 475 28.34 -9.45 6.66
CA ALA A 475 29.20 -8.68 7.53
C ALA A 475 28.66 -8.50 8.94
N GLY A 476 27.35 -8.40 9.05
CA GLY A 476 26.64 -8.31 10.32
C GLY A 476 26.69 -6.93 10.92
N THR A 477 27.13 -5.92 10.19
CA THR A 477 27.21 -4.58 10.75
C THR A 477 26.90 -3.58 9.66
N LEU A 478 26.29 -2.46 10.08
CA LEU A 478 26.05 -1.33 9.20
C LEU A 478 27.37 -0.67 8.81
N LYS A 479 28.39 -0.79 9.66
CA LYS A 479 29.72 -0.31 9.29
C LYS A 479 30.38 -1.27 8.30
N PHE A 480 29.84 -1.44 7.12
CA PHE A 480 30.44 -2.28 6.10
C PHE A 480 29.87 -1.73 4.80
N ASN A 481 30.77 -1.31 3.92
CA ASN A 481 30.36 -0.83 2.62
C ASN A 481 30.81 -1.88 1.60
N PRO A 482 29.91 -2.64 0.95
CA PRO A 482 30.25 -3.73 0.05
C PRO A 482 31.13 -3.31 -1.14
N GLU A 483 31.02 -2.04 -1.51
CA GLU A 483 31.80 -1.54 -2.60
C GLU A 483 33.25 -1.35 -2.18
N THR A 484 33.59 -0.99 -0.95
CA THR A 484 34.99 -0.71 -0.64
C THR A 484 35.74 -1.66 0.30
N ASP A 485 35.00 -2.24 1.26
CA ASP A 485 35.56 -3.01 2.32
C ASP A 485 35.77 -4.48 2.04
N PHE A 486 36.65 -4.99 2.90
CA PHE A 486 37.12 -6.35 2.86
C PHE A 486 36.56 -7.27 3.93
N LEU A 487 36.31 -8.52 3.57
CA LEU A 487 35.89 -9.54 4.50
C LEU A 487 37.10 -10.45 4.69
N THR A 488 37.16 -11.33 5.68
CA THR A 488 38.31 -12.20 5.83
C THR A 488 37.76 -13.60 5.67
N GLY A 489 38.21 -14.37 4.70
CA GLY A 489 37.72 -15.71 4.52
C GLY A 489 38.21 -16.63 5.64
N LYS A 490 37.77 -17.87 5.46
CA LYS A 490 38.07 -18.95 6.36
C LYS A 490 39.59 -19.19 6.43
N ASP A 491 40.15 -19.20 5.22
CA ASP A 491 41.57 -19.37 4.92
C ASP A 491 42.46 -18.22 5.38
N GLY A 492 41.91 -17.17 5.99
CA GLY A 492 42.71 -16.04 6.43
C GLY A 492 42.85 -14.95 5.37
N LYS A 493 42.53 -15.14 4.08
CA LYS A 493 42.66 -14.03 3.13
C LYS A 493 41.54 -12.98 3.14
N LYS A 494 41.94 -11.72 2.99
CA LYS A 494 40.98 -10.64 2.87
C LYS A 494 40.47 -10.72 1.45
N PHE A 495 39.19 -10.43 1.23
CA PHE A 495 38.64 -10.46 -0.11
C PHE A 495 37.53 -9.45 -0.17
N LYS A 496 37.25 -9.04 -1.40
CA LYS A 496 36.21 -8.07 -1.64
C LYS A 496 35.10 -8.72 -2.44
N LEU A 497 33.88 -8.28 -2.15
CA LEU A 497 32.72 -8.70 -2.91
C LEU A 497 32.66 -7.99 -4.28
N GLU A 498 32.52 -8.83 -5.30
CA GLU A 498 32.28 -8.47 -6.70
C GLU A 498 30.81 -8.07 -6.75
N ALA A 499 30.55 -7.02 -7.51
CA ALA A 499 29.19 -6.56 -7.74
C ALA A 499 28.40 -7.69 -8.38
N PRO A 500 27.19 -7.92 -7.91
CA PRO A 500 26.41 -9.05 -8.36
C PRO A 500 25.95 -8.85 -9.80
N ASP A 501 25.85 -9.93 -10.55
CA ASP A 501 25.24 -9.88 -11.86
C ASP A 501 24.44 -11.16 -11.99
N ALA A 502 23.26 -11.12 -12.57
CA ALA A 502 22.45 -12.30 -12.71
C ALA A 502 21.42 -12.09 -13.81
N ASP A 503 20.77 -13.16 -14.27
CA ASP A 503 19.80 -13.03 -15.34
C ASP A 503 18.55 -12.33 -14.81
N GLU A 504 17.94 -11.46 -15.63
CA GLU A 504 16.72 -10.82 -15.20
C GLU A 504 15.56 -11.80 -15.23
N LEU A 505 15.58 -12.78 -16.13
CA LEU A 505 14.48 -13.72 -16.25
C LEU A 505 15.10 -15.09 -16.46
N PRO A 506 14.41 -16.22 -16.21
CA PRO A 506 14.99 -17.54 -16.40
C PRO A 506 15.25 -17.80 -17.87
N ARG A 507 16.37 -18.44 -18.17
CA ARG A 507 16.71 -18.77 -19.54
C ARG A 507 15.67 -19.77 -20.01
N ALA A 508 15.45 -20.77 -19.17
CA ALA A 508 14.39 -21.71 -19.49
C ALA A 508 13.07 -21.02 -19.13
N GLU A 509 11.95 -21.71 -19.21
CA GLU A 509 10.72 -21.05 -18.84
C GLU A 509 10.60 -20.98 -17.33
N PHE A 510 9.62 -20.25 -16.85
CA PHE A 510 9.37 -20.23 -15.43
C PHE A 510 8.74 -21.57 -15.09
N ASP A 511 8.98 -22.09 -13.90
CA ASP A 511 8.31 -23.30 -13.47
C ASP A 511 7.15 -22.71 -12.66
N PRO A 512 5.91 -23.03 -12.98
CA PRO A 512 4.75 -22.52 -12.28
C PRO A 512 4.55 -23.01 -10.84
N GLY A 513 5.18 -24.11 -10.44
CA GLY A 513 5.00 -24.61 -9.08
C GLY A 513 3.66 -25.30 -8.91
N GLN A 514 3.13 -25.43 -7.68
CA GLN A 514 1.85 -26.11 -7.46
C GLN A 514 0.65 -25.24 -7.82
N ASP A 515 -0.47 -25.93 -8.12
CA ASP A 515 -1.78 -25.36 -8.49
C ASP A 515 -2.28 -24.48 -7.34
N THR A 516 -2.59 -23.19 -7.49
CA THR A 516 -3.10 -22.49 -6.31
C THR A 516 -4.30 -21.60 -6.61
N TYR A 517 -4.72 -21.52 -7.86
CA TYR A 517 -5.83 -20.65 -8.23
C TYR A 517 -7.09 -21.46 -8.17
N GLN A 518 -8.18 -20.86 -7.69
CA GLN A 518 -9.47 -21.50 -7.64
C GLN A 518 -10.45 -20.62 -8.42
N HIS A 519 -10.92 -21.06 -9.58
CA HIS A 519 -11.84 -20.27 -10.39
C HIS A 519 -13.24 -20.36 -9.78
N PRO A 520 -14.10 -19.30 -9.81
CA PRO A 520 -15.46 -19.39 -9.33
C PRO A 520 -16.27 -20.36 -10.16
N PRO A 521 -17.21 -21.15 -9.64
CA PRO A 521 -18.21 -21.86 -10.43
C PRO A 521 -19.07 -20.78 -11.04
N LYS A 522 -19.17 -20.64 -12.33
CA LYS A 522 -20.05 -19.60 -12.86
C LYS A 522 -21.10 -20.25 -13.75
N ASP A 523 -21.62 -21.09 -12.89
CA ASP A 523 -22.65 -22.07 -13.08
C ASP A 523 -23.14 -22.03 -11.62
N SER A 524 -23.21 -23.14 -10.91
CA SER A 524 -23.62 -23.23 -9.53
C SER A 524 -23.75 -22.02 -8.58
N SER A 525 -22.74 -21.29 -8.07
CA SER A 525 -22.90 -20.17 -7.13
C SER A 525 -23.90 -20.28 -5.97
N GLY A 526 -24.37 -21.49 -5.66
CA GLY A 526 -25.30 -21.75 -4.57
C GLY A 526 -24.60 -21.85 -3.21
N GLN A 527 -23.50 -21.10 -3.02
CA GLN A 527 -22.80 -21.06 -1.76
C GLN A 527 -23.58 -20.16 -0.80
N ARG A 528 -23.73 -20.64 0.43
CA ARG A 528 -24.24 -19.83 1.53
C ARG A 528 -22.94 -19.38 2.16
N VAL A 529 -22.74 -18.10 2.40
CA VAL A 529 -21.60 -17.67 3.16
C VAL A 529 -22.03 -17.72 4.64
N ASP A 530 -21.34 -18.44 5.52
CA ASP A 530 -21.71 -18.51 6.93
C ASP A 530 -20.73 -17.73 7.79
N VAL A 531 -21.30 -16.89 8.63
CA VAL A 531 -20.52 -16.10 9.55
C VAL A 531 -21.20 -16.47 10.86
N SER A 532 -20.55 -17.21 11.76
CA SER A 532 -21.15 -17.58 13.04
C SER A 532 -21.36 -16.31 13.85
N PRO A 533 -22.52 -16.18 14.54
CA PRO A 533 -22.79 -15.01 15.35
C PRO A 533 -21.93 -14.97 16.58
N THR A 534 -21.22 -16.03 16.95
CA THR A 534 -20.29 -15.94 18.08
C THR A 534 -18.84 -15.86 17.64
N SER A 535 -18.55 -15.63 16.34
CA SER A 535 -17.19 -15.58 15.86
C SER A 535 -16.53 -14.34 16.45
N GLN A 536 -15.28 -14.62 16.77
CA GLN A 536 -14.38 -13.60 17.24
C GLN A 536 -13.62 -13.02 16.05
N ARG A 537 -13.66 -13.65 14.87
CA ARG A 537 -12.90 -13.16 13.73
C ARG A 537 -13.73 -12.50 12.65
N LEU A 538 -15.01 -12.81 12.55
CA LEU A 538 -15.85 -12.31 11.51
C LEU A 538 -17.15 -11.82 12.12
N GLN A 539 -17.70 -10.71 11.64
CA GLN A 539 -18.96 -10.19 12.13
C GLN A 539 -19.63 -9.38 11.03
N LEU A 540 -20.88 -9.69 10.70
CA LEU A 540 -21.65 -8.93 9.74
C LEU A 540 -21.82 -7.52 10.28
N LEU A 541 -21.88 -6.60 9.33
CA LEU A 541 -22.01 -5.20 9.64
C LEU A 541 -23.46 -4.80 9.88
N GLU A 542 -23.60 -3.84 10.79
CA GLU A 542 -24.85 -3.19 11.13
C GLU A 542 -24.63 -1.78 10.53
N PRO A 543 -25.53 -1.19 9.75
CA PRO A 543 -25.35 0.11 9.12
C PRO A 543 -25.14 1.24 10.09
N PHE A 544 -24.27 2.20 9.79
CA PHE A 544 -24.11 3.38 10.60
C PHE A 544 -25.37 4.23 10.44
N ASP A 545 -25.52 5.13 11.37
CA ASP A 545 -26.63 6.06 11.50
C ASP A 545 -26.57 7.12 10.41
N LYS A 546 -27.72 7.54 9.94
CA LYS A 546 -27.89 8.62 8.97
C LYS A 546 -27.54 9.91 9.67
N TRP A 547 -27.13 10.99 9.01
CA TRP A 547 -26.92 12.26 9.70
C TRP A 547 -28.28 12.76 10.27
N ASP A 548 -28.35 13.32 11.48
CA ASP A 548 -29.59 13.82 12.09
C ASP A 548 -30.10 15.17 11.58
N GLY A 549 -29.37 15.83 10.70
CA GLY A 549 -29.78 17.09 10.12
C GLY A 549 -29.29 18.25 10.96
N LYS A 550 -28.52 18.00 12.02
CA LYS A 550 -28.08 19.08 12.86
C LYS A 550 -26.58 19.28 12.83
N ASP A 551 -26.19 20.49 13.23
CA ASP A 551 -24.78 20.81 13.36
C ASP A 551 -24.21 20.00 14.52
N LEU A 552 -22.90 19.91 14.58
CA LEU A 552 -22.24 19.09 15.57
C LEU A 552 -21.80 20.02 16.67
N GLU A 553 -22.53 20.11 17.79
CA GLU A 553 -22.09 20.99 18.85
C GLU A 553 -21.52 20.30 20.07
N ASP A 554 -20.58 21.03 20.70
CA ASP A 554 -19.91 20.66 21.94
C ASP A 554 -19.34 19.26 21.91
N LEU A 555 -18.50 19.18 20.89
CA LEU A 555 -17.78 17.95 20.60
C LEU A 555 -16.61 17.90 21.55
N GLN A 556 -16.37 16.73 22.08
CA GLN A 556 -15.26 16.52 22.96
C GLN A 556 -14.06 16.17 22.10
N ILE A 557 -12.84 16.60 22.43
CA ILE A 557 -11.66 16.15 21.72
C ILE A 557 -11.23 14.81 22.34
N LEU A 558 -11.26 13.69 21.62
CA LEU A 558 -10.76 12.44 22.17
C LEU A 558 -9.24 12.58 22.33
N ILE A 559 -8.52 13.09 21.32
CA ILE A 559 -7.06 13.22 21.38
C ILE A 559 -6.61 14.25 20.34
N LYS A 560 -5.67 15.10 20.73
CA LYS A 560 -4.98 16.00 19.83
C LYS A 560 -3.61 15.34 19.72
N VAL A 561 -3.37 14.84 18.51
CA VAL A 561 -2.18 14.13 18.12
C VAL A 561 -1.06 15.07 17.68
N LYS A 562 0.12 14.66 18.07
CA LYS A 562 1.30 15.43 17.78
C LYS A 562 2.09 14.71 16.72
N GLY A 563 2.52 15.38 15.66
CA GLY A 563 3.47 14.77 14.73
C GLY A 563 2.86 13.72 13.81
N LYS A 564 3.73 12.77 13.42
CA LYS A 564 3.41 11.75 12.44
C LYS A 564 2.36 10.79 12.96
N CYS A 565 1.28 10.64 12.21
CA CYS A 565 0.26 9.74 12.60
C CYS A 565 -0.19 8.99 11.35
N THR A 566 0.48 7.88 11.14
CA THR A 566 0.31 6.87 10.10
C THR A 566 -0.97 6.04 10.32
N THR A 567 -1.54 5.30 9.36
CA THR A 567 -2.61 4.33 9.69
C THR A 567 -2.09 3.15 10.53
N ASP A 568 -0.79 2.81 10.60
CA ASP A 568 -0.32 1.83 11.59
C ASP A 568 -0.42 2.44 12.99
N HIS A 569 -0.42 3.77 13.17
CA HIS A 569 -0.64 4.35 14.49
C HIS A 569 -2.12 4.34 14.85
N ILE A 570 -2.99 4.53 13.86
CA ILE A 570 -4.42 4.60 14.07
C ILE A 570 -5.00 3.20 14.21
N SER A 571 -4.58 2.24 13.42
CA SER A 571 -5.05 0.89 13.53
C SER A 571 -3.90 -0.05 13.14
N ALA A 572 -3.15 -0.42 14.16
CA ALA A 572 -2.06 -1.34 14.07
C ALA A 572 -2.40 -2.65 13.39
N ALA A 573 -1.36 -3.24 12.81
CA ALA A 573 -1.45 -4.51 12.14
C ALA A 573 -0.83 -5.58 13.04
N GLY A 574 0.10 -6.46 12.58
CA GLY A 574 0.70 -7.49 13.44
C GLY A 574 -0.38 -8.36 14.05
N PRO A 575 -0.52 -8.43 15.39
CA PRO A 575 -1.52 -9.30 16.04
C PRO A 575 -2.99 -8.95 15.82
N TRP A 576 -3.24 -7.68 15.52
CA TRP A 576 -4.60 -7.21 15.24
C TRP A 576 -5.12 -7.73 13.90
N LEU A 577 -4.29 -8.33 13.01
CA LEU A 577 -4.80 -8.84 11.73
C LEU A 577 -5.84 -9.95 11.88
N LYS A 578 -5.80 -10.59 13.05
CA LYS A 578 -6.75 -11.64 13.43
C LYS A 578 -8.20 -11.16 13.48
N PHE A 579 -8.36 -9.87 13.72
CA PHE A 579 -9.68 -9.28 13.83
C PHE A 579 -10.06 -8.46 12.60
N ARG A 580 -9.40 -8.56 11.43
CA ARG A 580 -9.73 -7.68 10.33
C ARG A 580 -11.13 -7.84 9.76
N GLY A 581 -11.86 -8.94 10.06
CA GLY A 581 -13.24 -9.09 9.63
C GLY A 581 -14.18 -8.84 10.81
N HIS A 582 -13.69 -8.35 11.95
CA HIS A 582 -14.53 -8.18 13.15
C HIS A 582 -14.44 -6.73 13.64
N LEU A 583 -15.36 -5.87 13.23
CA LEU A 583 -15.22 -4.46 13.59
C LEU A 583 -15.16 -4.12 15.09
N ASP A 584 -15.96 -4.76 15.93
CA ASP A 584 -15.91 -4.39 17.33
C ASP A 584 -14.64 -4.86 18.00
N ASN A 585 -14.11 -6.02 17.59
CA ASN A 585 -12.89 -6.48 18.21
C ASN A 585 -11.67 -5.71 17.77
N ILE A 586 -11.56 -5.32 16.49
CA ILE A 586 -10.37 -4.59 16.10
C ILE A 586 -10.43 -3.15 16.59
N SER A 587 -11.60 -2.57 16.86
CA SER A 587 -11.69 -1.21 17.39
C SER A 587 -10.98 -1.05 18.74
N ASN A 588 -10.56 -2.15 19.41
CA ASN A 588 -9.78 -2.06 20.65
C ASN A 588 -8.35 -1.63 20.37
N ASN A 589 -7.90 -1.41 19.13
CA ASN A 589 -6.58 -0.83 18.92
C ASN A 589 -6.63 0.63 18.52
N LEU A 590 -7.82 1.24 18.42
CA LEU A 590 -7.99 2.60 17.97
C LEU A 590 -7.06 3.60 18.62
N LEU A 591 -6.16 4.09 17.73
CA LEU A 591 -5.22 5.15 18.01
C LEU A 591 -4.26 4.83 19.13
N ILE A 592 -3.98 3.54 19.42
CA ILE A 592 -3.10 3.26 20.55
C ILE A 592 -1.65 3.63 20.26
N GLY A 593 -1.28 3.90 19.00
CA GLY A 593 0.09 4.30 18.72
C GLY A 593 0.25 5.79 18.65
N ALA A 594 -0.80 6.60 18.56
CA ALA A 594 -0.64 8.03 18.39
C ALA A 594 -0.07 8.73 19.60
N ILE A 595 0.72 9.77 19.44
CA ILE A 595 1.31 10.50 20.58
C ILE A 595 0.35 11.62 20.94
N ASN A 596 -0.09 11.63 22.20
CA ASN A 596 -0.93 12.70 22.75
C ASN A 596 -0.08 13.93 23.04
N SER A 597 -0.47 15.10 22.55
CA SER A 597 0.31 16.30 22.79
C SER A 597 0.19 16.65 24.28
N GLU A 598 -0.88 16.31 25.03
CA GLU A 598 -0.97 16.67 26.43
C GLU A 598 0.19 16.12 27.27
N ASN A 599 0.54 14.87 27.10
CA ASN A 599 1.55 14.28 27.93
C ASN A 599 2.68 13.63 27.18
N ARG A 600 2.70 13.68 25.85
CA ARG A 600 3.71 13.02 25.04
C ARG A 600 3.63 11.49 25.10
N LYS A 601 2.52 10.88 25.51
CA LYS A 601 2.42 9.45 25.58
C LYS A 601 1.53 8.88 24.52
N ALA A 602 1.82 7.61 24.22
CA ALA A 602 1.00 6.79 23.37
C ALA A 602 -0.02 6.08 24.24
N ASN A 603 -1.25 5.98 23.79
CA ASN A 603 -2.35 5.36 24.50
C ASN A 603 -2.65 5.86 25.92
N SER A 604 -2.53 7.17 26.21
CA SER A 604 -2.90 7.69 27.50
C SER A 604 -3.57 9.04 27.37
N VAL A 605 -4.90 9.07 27.43
CA VAL A 605 -5.65 10.30 27.29
C VAL A 605 -6.53 10.47 28.52
N ARG A 606 -6.75 11.73 28.85
CA ARG A 606 -7.59 12.13 29.94
C ARG A 606 -9.07 11.88 29.62
N ASN A 607 -9.76 11.07 30.40
CA ASN A 607 -11.21 10.96 30.31
C ASN A 607 -11.78 12.26 30.89
N ALA A 608 -12.54 13.06 30.12
CA ALA A 608 -13.06 14.35 30.58
C ALA A 608 -14.05 14.30 31.74
N VAL A 609 -14.71 13.15 31.91
CA VAL A 609 -15.68 12.96 32.97
C VAL A 609 -15.04 12.43 34.25
N THR A 610 -14.22 11.39 34.20
CA THR A 610 -13.62 10.78 35.38
C THR A 610 -12.33 11.44 35.81
N GLN A 611 -11.65 12.11 34.89
CA GLN A 611 -10.36 12.75 35.12
C GLN A 611 -9.27 11.76 35.44
N GLU A 612 -9.47 10.57 34.88
CA GLU A 612 -8.43 9.58 34.93
C GLU A 612 -7.78 9.51 33.56
N PHE A 613 -6.48 9.28 33.45
CA PHE A 613 -5.83 9.07 32.15
C PHE A 613 -5.88 7.58 31.87
N GLY A 614 -6.23 7.18 30.64
CA GLY A 614 -6.35 5.78 30.29
C GLY A 614 -6.23 5.54 28.78
N PRO A 615 -6.38 4.28 28.36
CA PRO A 615 -6.35 3.87 26.98
C PRO A 615 -7.35 4.63 26.12
N VAL A 616 -6.90 4.92 24.90
CA VAL A 616 -7.74 5.66 23.94
C VAL A 616 -8.99 4.84 23.59
N PRO A 617 -8.95 3.53 23.21
CA PRO A 617 -10.15 2.74 22.88
C PRO A 617 -11.21 2.81 23.98
N ASP A 618 -10.75 2.60 25.22
CA ASP A 618 -11.62 2.60 26.38
C ASP A 618 -12.26 3.94 26.63
N THR A 619 -11.52 5.03 26.46
CA THR A 619 -12.09 6.36 26.61
C THR A 619 -13.15 6.64 25.55
N ALA A 620 -12.89 6.24 24.29
CA ALA A 620 -13.85 6.44 23.20
C ALA A 620 -15.08 5.60 23.48
N ARG A 621 -14.94 4.35 23.96
CA ARG A 621 -16.13 3.57 24.26
C ARG A 621 -16.89 4.21 25.44
N TYR A 622 -16.22 4.78 26.43
CA TYR A 622 -16.89 5.45 27.54
C TYR A 622 -17.68 6.63 26.99
N TYR A 623 -17.08 7.47 26.13
CA TYR A 623 -17.80 8.61 25.57
C TYR A 623 -19.00 8.16 24.78
N LYS A 624 -18.87 7.12 23.96
CA LYS A 624 -19.97 6.62 23.16
C LYS A 624 -21.08 6.10 24.07
N GLN A 625 -20.76 5.36 25.15
CA GLN A 625 -21.75 4.85 26.12
C GLN A 625 -22.55 6.02 26.69
N HIS A 626 -21.90 7.14 26.92
CA HIS A 626 -22.54 8.27 27.55
C HIS A 626 -23.01 9.34 26.60
N GLY A 627 -23.03 9.05 25.28
CA GLY A 627 -23.50 10.00 24.27
C GLY A 627 -22.61 11.22 24.11
N ILE A 628 -21.33 11.12 24.37
CA ILE A 628 -20.43 12.24 24.14
C ILE A 628 -19.79 12.00 22.75
N ARG A 629 -20.07 12.89 21.80
CA ARG A 629 -19.57 12.83 20.42
C ARG A 629 -18.19 13.44 20.42
N TRP A 630 -17.26 12.81 19.72
CA TRP A 630 -15.90 13.26 19.77
C TRP A 630 -15.24 13.42 18.40
N VAL A 631 -14.08 14.05 18.51
CA VAL A 631 -13.26 14.52 17.41
C VAL A 631 -11.80 14.15 17.64
N VAL A 632 -11.01 14.00 16.57
CA VAL A 632 -9.56 13.83 16.68
C VAL A 632 -8.96 15.07 16.05
N ILE A 633 -7.90 15.65 16.63
CA ILE A 633 -7.26 16.83 16.05
C ILE A 633 -5.91 16.30 15.62
N GLY A 634 -5.47 16.44 14.36
CA GLY A 634 -4.21 15.89 13.94
C GLY A 634 -3.35 16.96 13.29
N ASP A 635 -2.12 16.52 12.97
CA ASP A 635 -1.13 17.41 12.41
C ASP A 635 -1.03 17.20 10.89
N GLU A 636 0.15 17.22 10.29
CA GLU A 636 0.37 17.08 8.85
C GLU A 636 0.37 15.64 8.39
N ASN A 637 -0.07 15.48 7.16
CA ASN A 637 -0.14 14.17 6.50
C ASN A 637 -0.76 13.04 7.34
N TYR A 638 -1.89 13.34 7.97
CA TYR A 638 -2.57 12.39 8.83
C TYR A 638 -3.06 11.20 8.03
N GLY A 639 -2.82 9.98 8.47
CA GLY A 639 -3.33 8.83 7.77
C GLY A 639 -2.34 8.31 6.73
N GLU A 640 -1.10 8.78 6.76
CA GLU A 640 -0.01 8.33 5.93
C GLU A 640 0.10 6.82 5.93
N GLY A 641 0.38 6.18 4.78
CA GLY A 641 0.67 4.76 4.79
C GLY A 641 -0.39 3.87 4.14
N SER A 642 -0.53 2.75 4.83
CA SER A 642 -1.44 1.69 4.47
C SER A 642 -2.82 2.23 4.14
N SER A 643 -3.50 1.55 3.23
CA SER A 643 -4.86 1.91 2.80
C SER A 643 -5.97 1.39 3.72
N ARG A 644 -5.66 0.55 4.71
CA ARG A 644 -6.64 -0.17 5.53
C ARG A 644 -7.81 0.73 5.97
N GLU A 645 -9.01 0.48 5.45
CA GLU A 645 -10.17 1.28 5.82
C GLU A 645 -10.59 1.15 7.29
N HIS A 646 -9.99 0.22 8.04
CA HIS A 646 -10.29 0.01 9.47
C HIS A 646 -9.89 1.30 10.20
N SER A 647 -8.94 2.11 9.69
CA SER A 647 -8.59 3.32 10.42
C SER A 647 -9.70 4.33 10.31
N ALA A 648 -10.67 4.14 9.42
CA ALA A 648 -11.81 5.04 9.31
C ALA A 648 -13.07 4.39 9.92
N LEU A 649 -13.26 3.07 9.74
CA LEU A 649 -14.37 2.36 10.30
C LEU A 649 -14.32 2.35 11.83
N GLU A 650 -13.15 2.19 12.44
CA GLU A 650 -13.02 2.15 13.88
C GLU A 650 -13.40 3.46 14.55
N PRO A 651 -12.97 4.69 14.17
CA PRO A 651 -13.48 5.90 14.82
C PRO A 651 -14.98 6.07 14.60
N ARG A 652 -15.57 5.65 13.47
CA ARG A 652 -16.98 5.81 13.25
C ARG A 652 -17.76 4.94 14.24
N PHE A 653 -17.34 3.70 14.38
CA PHE A 653 -17.96 2.75 15.24
C PHE A 653 -17.88 3.19 16.72
N LEU A 654 -16.79 3.79 17.18
CA LEU A 654 -16.66 4.21 18.54
C LEU A 654 -17.13 5.62 18.84
N GLY A 655 -17.91 6.17 17.92
CA GLY A 655 -18.65 7.39 18.18
C GLY A 655 -18.02 8.68 17.74
N GLY A 656 -16.92 8.60 16.97
CA GLY A 656 -16.29 9.77 16.39
C GLY A 656 -17.13 10.37 15.28
N ARG A 657 -16.90 11.64 15.12
CA ARG A 657 -17.64 12.45 14.16
C ARG A 657 -16.79 13.18 13.13
N ALA A 658 -15.60 13.65 13.48
CA ALA A 658 -14.83 14.44 12.56
C ALA A 658 -13.37 14.29 12.96
N ILE A 659 -12.46 14.54 12.01
CA ILE A 659 -11.02 14.43 12.20
C ILE A 659 -10.58 15.71 11.56
N ILE A 660 -9.92 16.59 12.30
CA ILE A 660 -9.58 17.91 11.84
C ILE A 660 -8.06 17.93 11.89
N THR A 661 -7.38 18.17 10.76
CA THR A 661 -5.94 18.07 10.67
C THR A 661 -5.36 19.22 9.84
N LYS A 662 -4.04 19.29 9.81
CA LYS A 662 -3.40 20.23 8.89
C LYS A 662 -3.44 19.62 7.47
N SER A 663 -3.30 18.31 7.27
CA SER A 663 -3.49 17.75 5.95
C SER A 663 -3.70 16.27 6.10
N PHE A 664 -4.24 15.63 5.08
CA PHE A 664 -4.51 14.19 5.06
C PHE A 664 -3.76 13.55 3.92
N ALA A 665 -3.44 12.26 4.13
CA ALA A 665 -2.98 11.45 3.04
C ALA A 665 -4.26 11.05 2.30
N ARG A 666 -4.13 10.89 0.97
CA ARG A 666 -5.24 10.66 0.06
C ARG A 666 -6.13 9.49 0.38
N ILE A 667 -5.59 8.31 0.56
CA ILE A 667 -6.50 7.17 0.70
C ILE A 667 -7.28 7.26 2.01
N HIS A 668 -6.64 7.68 3.11
CA HIS A 668 -7.35 7.77 4.39
C HIS A 668 -8.43 8.83 4.34
N GLU A 669 -8.20 9.98 3.71
CA GLU A 669 -9.24 10.98 3.59
C GLU A 669 -10.44 10.44 2.82
N THR A 670 -10.21 9.67 1.77
CA THR A 670 -11.34 9.09 1.05
C THR A 670 -12.06 8.08 1.93
N ASN A 671 -11.34 7.21 2.64
CA ASN A 671 -11.96 6.20 3.50
C ASN A 671 -12.79 6.87 4.59
N LEU A 672 -12.35 8.02 5.12
CA LEU A 672 -13.11 8.77 6.13
C LEU A 672 -14.45 9.25 5.64
N LYS A 673 -14.47 9.86 4.44
CA LYS A 673 -15.68 10.30 3.76
C LYS A 673 -16.57 9.10 3.46
N LYS A 674 -16.00 7.99 3.02
CA LYS A 674 -16.77 6.79 2.73
C LYS A 674 -17.59 6.22 3.89
N GLN A 675 -17.05 6.39 5.11
CA GLN A 675 -17.67 5.88 6.35
C GLN A 675 -18.48 6.92 7.10
N GLY A 676 -18.77 8.07 6.45
CA GLY A 676 -19.66 9.06 7.03
C GLY A 676 -18.99 10.01 8.02
N LEU A 677 -17.66 10.07 8.08
CA LEU A 677 -16.98 11.01 8.97
C LEU A 677 -16.64 12.26 8.18
N LEU A 678 -16.32 13.32 8.88
CA LEU A 678 -15.94 14.56 8.26
C LEU A 678 -14.45 14.76 8.35
N PRO A 679 -13.63 14.52 7.30
CA PRO A 679 -12.23 14.91 7.29
C PRO A 679 -12.15 16.39 6.93
N LEU A 680 -11.62 17.25 7.81
CA LEU A 680 -11.60 18.70 7.60
C LEU A 680 -10.17 19.16 7.82
N THR A 681 -9.71 20.17 7.10
CA THR A 681 -8.37 20.69 7.34
C THR A 681 -8.53 22.13 7.81
N PHE A 682 -7.55 22.61 8.57
CA PHE A 682 -7.54 23.99 8.98
C PHE A 682 -7.36 24.89 7.77
N ALA A 683 -8.12 25.96 7.67
CA ALA A 683 -7.91 26.91 6.60
C ALA A 683 -6.61 27.62 6.93
N ASP A 684 -6.26 27.80 8.22
CA ASP A 684 -4.97 28.35 8.55
C ASP A 684 -4.36 27.31 9.45
N PRO A 685 -3.34 26.51 9.05
CA PRO A 685 -2.75 25.49 9.90
C PRO A 685 -2.23 25.98 11.25
N ALA A 686 -2.05 27.28 11.48
CA ALA A 686 -1.60 27.75 12.78
C ALA A 686 -2.73 27.65 13.80
N ASP A 687 -3.99 27.52 13.37
CA ASP A 687 -5.09 27.30 14.27
C ASP A 687 -5.01 25.99 15.04
N TYR A 688 -4.15 25.08 14.65
CA TYR A 688 -3.92 23.86 15.39
C TYR A 688 -3.47 24.25 16.79
N ASN A 689 -2.75 25.35 16.89
CA ASN A 689 -2.21 25.77 18.19
C ASN A 689 -3.18 26.51 19.09
N LYS A 690 -4.34 26.86 18.55
CA LYS A 690 -5.42 27.50 19.28
C LYS A 690 -6.33 26.52 20.04
N ILE A 691 -6.25 25.25 19.66
CA ILE A 691 -7.09 24.24 20.24
C ILE A 691 -6.27 23.48 21.26
N HIS A 692 -6.84 23.35 22.46
CA HIS A 692 -6.19 22.67 23.57
C HIS A 692 -7.08 21.46 23.81
N PRO A 693 -6.56 20.32 24.33
CA PRO A 693 -7.32 19.11 24.61
C PRO A 693 -8.61 19.31 25.42
N VAL A 694 -8.64 20.36 26.25
CA VAL A 694 -9.80 20.64 27.08
C VAL A 694 -10.99 21.36 26.42
N ASP A 695 -10.75 21.90 25.20
CA ASP A 695 -11.77 22.66 24.47
C ASP A 695 -12.90 21.80 23.96
N LYS A 696 -14.03 22.42 23.74
CA LYS A 696 -15.17 21.77 23.09
C LYS A 696 -15.30 22.51 21.78
N LEU A 697 -15.75 21.80 20.76
CA LEU A 697 -15.83 22.38 19.43
C LEU A 697 -17.22 22.28 18.86
N THR A 698 -17.68 23.31 18.20
CA THR A 698 -18.92 23.23 17.45
C THR A 698 -18.60 23.42 15.94
N ILE A 699 -19.04 22.48 15.10
CA ILE A 699 -18.86 22.57 13.66
C ILE A 699 -20.24 23.03 13.17
N GLN A 700 -20.28 24.17 12.52
CA GLN A 700 -21.52 24.72 12.04
C GLN A 700 -21.59 24.81 10.53
N GLY A 701 -22.79 24.84 10.00
CA GLY A 701 -22.97 25.01 8.57
C GLY A 701 -23.15 23.72 7.80
N LEU A 702 -23.42 22.60 8.49
CA LEU A 702 -23.62 21.34 7.82
C LEU A 702 -24.91 21.39 7.03
N LYS A 703 -25.83 22.28 7.38
CA LYS A 703 -27.08 22.38 6.65
C LYS A 703 -26.87 22.91 5.25
N ASP A 704 -25.93 23.81 5.02
CA ASP A 704 -25.68 24.28 3.67
C ASP A 704 -24.30 23.85 3.22
N PHE A 705 -23.97 22.61 3.55
CA PHE A 705 -22.69 21.95 3.24
C PHE A 705 -22.55 21.98 1.72
N ALA A 706 -21.46 22.52 1.20
CA ALA A 706 -21.32 22.63 -0.25
C ALA A 706 -19.87 22.52 -0.67
N PRO A 707 -19.63 21.96 -1.88
CA PRO A 707 -18.30 21.89 -2.50
C PRO A 707 -17.70 23.29 -2.49
N GLY A 708 -16.50 23.42 -1.96
CA GLY A 708 -15.80 24.71 -2.04
C GLY A 708 -16.20 25.67 -0.94
N LYS A 709 -17.23 25.47 -0.13
CA LYS A 709 -17.59 26.41 0.92
C LYS A 709 -16.98 25.87 2.22
N PRO A 710 -16.13 26.63 2.93
CA PRO A 710 -15.60 26.23 4.24
C PRO A 710 -16.67 26.11 5.35
N LEU A 711 -16.42 25.32 6.40
CA LEU A 711 -17.32 25.15 7.53
C LEU A 711 -16.76 25.98 8.64
N THR A 712 -17.58 26.48 9.58
CA THR A 712 -17.07 27.29 10.67
C THR A 712 -16.96 26.42 11.91
N CYS A 713 -15.89 26.60 12.66
CA CYS A 713 -15.65 25.82 13.84
C CYS A 713 -15.57 26.88 14.93
N ILE A 714 -16.38 26.76 15.99
CA ILE A 714 -16.33 27.62 17.19
C ILE A 714 -15.50 26.87 18.24
N ILE A 715 -14.34 27.34 18.67
CA ILE A 715 -13.58 26.70 19.71
C ILE A 715 -14.12 27.30 21.03
N LYS A 716 -14.68 26.48 21.92
CA LYS A 716 -15.24 26.92 23.20
C LYS A 716 -14.23 26.60 24.30
N HIS A 717 -13.56 27.63 24.77
CA HIS A 717 -12.59 27.50 25.84
C HIS A 717 -13.33 27.46 27.18
N PRO A 718 -12.78 26.75 28.20
CA PRO A 718 -13.46 26.45 29.47
C PRO A 718 -13.75 27.72 30.27
N ASN A 719 -12.77 28.61 30.28
CA ASN A 719 -12.90 29.91 30.89
C ASN A 719 -14.01 30.76 30.29
N GLY A 720 -14.75 30.31 29.27
CA GLY A 720 -15.82 31.09 28.69
C GLY A 720 -15.44 31.74 27.37
N THR A 721 -14.17 31.84 26.98
CA THR A 721 -13.78 32.45 25.71
C THR A 721 -14.19 31.55 24.56
N GLN A 722 -14.51 32.11 23.41
CA GLN A 722 -14.82 31.36 22.20
C GLN A 722 -13.97 31.96 21.11
N GLU A 723 -13.59 31.22 20.06
CA GLU A 723 -12.84 31.75 18.93
C GLU A 723 -13.48 31.07 17.72
N THR A 724 -13.71 31.72 16.58
CA THR A 724 -14.24 31.05 15.41
C THR A 724 -13.10 30.89 14.44
N ILE A 725 -12.97 29.72 13.77
CA ILE A 725 -11.98 29.44 12.76
C ILE A 725 -12.71 28.75 11.63
N LEU A 726 -12.10 28.69 10.44
CA LEU A 726 -12.70 28.07 9.26
C LEU A 726 -12.01 26.79 8.88
N LEU A 727 -12.79 25.83 8.44
CA LEU A 727 -12.23 24.54 8.11
C LEU A 727 -12.61 24.23 6.69
N ASN A 728 -11.62 23.83 5.90
CA ASN A 728 -11.87 23.45 4.52
C ASN A 728 -12.10 21.97 4.42
N HIS A 729 -12.68 21.56 3.31
CA HIS A 729 -12.99 20.17 3.04
C HIS A 729 -12.88 19.91 1.53
N THR A 730 -12.76 18.71 0.98
CA THR A 730 -12.68 18.50 -0.46
C THR A 730 -13.89 17.73 -0.95
N PHE A 731 -15.03 17.81 -0.25
CA PHE A 731 -16.26 17.11 -0.66
C PHE A 731 -16.89 17.67 -1.95
N ASN A 732 -17.32 16.81 -2.85
CA ASN A 732 -18.06 17.21 -4.03
C ASN A 732 -19.52 16.78 -3.76
N GLU A 733 -20.55 16.99 -4.62
CA GLU A 733 -21.88 16.60 -4.13
C GLU A 733 -22.14 15.13 -4.00
N THR A 734 -21.37 14.27 -4.67
CA THR A 734 -21.47 12.82 -4.50
C THR A 734 -21.08 12.47 -3.08
N GLN A 735 -19.97 13.02 -2.64
CA GLN A 735 -19.49 12.73 -1.31
C GLN A 735 -20.37 13.32 -0.18
N ILE A 736 -21.00 14.49 -0.36
CA ILE A 736 -21.89 15.05 0.63
C ILE A 736 -23.09 14.11 0.80
N GLU A 737 -23.56 13.48 -0.27
CA GLU A 737 -24.57 12.47 -0.13
C GLU A 737 -24.09 11.30 0.73
N TRP A 738 -22.83 10.87 0.73
CA TRP A 738 -22.36 9.78 1.60
C TRP A 738 -22.49 10.20 3.06
N PHE A 739 -22.02 11.43 3.36
CA PHE A 739 -22.16 12.00 4.67
C PHE A 739 -23.61 12.06 5.13
N ARG A 740 -24.54 12.65 4.34
CA ARG A 740 -25.94 12.77 4.77
C ARG A 740 -26.56 11.40 4.98
N ALA A 741 -26.25 10.39 4.17
CA ALA A 741 -26.78 9.04 4.36
C ALA A 741 -26.12 8.27 5.51
N GLY A 742 -25.02 8.71 6.10
CA GLY A 742 -24.40 7.93 7.15
C GLY A 742 -23.17 7.16 6.69
N SER A 743 -23.08 6.82 5.41
CA SER A 743 -21.91 6.19 4.80
C SER A 743 -22.22 6.04 3.29
N ALA A 744 -21.19 5.77 2.48
CA ALA A 744 -21.41 5.54 1.05
C ALA A 744 -22.23 4.28 0.83
N LEU A 745 -22.03 3.24 1.64
CA LEU A 745 -22.78 2.01 1.48
C LEU A 745 -24.26 2.26 1.77
N ASN A 746 -24.62 3.13 2.75
CA ASN A 746 -26.02 3.46 3.06
C ASN A 746 -26.67 4.22 1.89
N ARG A 747 -25.93 5.11 1.21
CA ARG A 747 -26.37 5.85 0.05
C ARG A 747 -26.64 4.87 -1.09
N MET A 748 -25.72 3.92 -1.35
CA MET A 748 -25.85 2.91 -2.39
C MET A 748 -27.11 2.10 -2.12
N LYS A 749 -27.32 1.72 -0.88
CA LYS A 749 -28.49 0.99 -0.55
C LYS A 749 -29.70 1.87 -0.69
N GLU A 750 -29.73 3.18 -0.47
CA GLU A 750 -30.92 3.97 -0.74
C GLU A 750 -31.24 3.93 -2.25
N LEU A 751 -30.25 4.02 -3.13
CA LEU A 751 -30.49 3.96 -4.57
C LEU A 751 -31.05 2.65 -5.12
N GLN A 752 -31.03 1.59 -4.32
CA GLN A 752 -31.67 0.33 -4.68
C GLN A 752 -33.19 0.34 -4.40
N GLN A 753 -33.84 1.49 -4.57
CA GLN A 753 -35.28 1.75 -4.49
C GLN A 753 -36.07 1.35 -3.25
N LYS A 754 -35.30 1.23 -2.17
CA LYS A 754 -35.78 0.83 -0.87
C LYS A 754 -34.68 1.22 0.13
#